data_2LX7
#
_entry.id   2LX7
#
_entity_poly.entity_id   1
_entity_poly.type   'polypeptide(L)'
_entity_poly.pdbx_seq_one_letter_code
;MSGARCRTLYPFSGERHGQGLRFAAGELITLLQVPDGGWWEGEKEDGLRGWFPASYVQLL
;
_entity_poly.pdbx_strand_id   A
#
# COMPACT_ATOMS: atom_id res chain seq x y z
N MET A 1 11.92 12.18 5.99
CA MET A 1 11.10 11.52 4.94
C MET A 1 12.04 10.85 3.91
N SER A 2 12.37 9.58 4.16
CA SER A 2 13.26 8.79 3.30
C SER A 2 12.53 8.35 2.02
N GLY A 3 11.25 7.97 2.19
CA GLY A 3 10.36 7.59 1.09
C GLY A 3 9.03 8.32 1.19
N ALA A 4 8.25 8.31 0.09
CA ALA A 4 6.96 9.02 0.03
C ALA A 4 5.87 8.22 0.78
N ARG A 5 5.18 8.90 1.70
CA ARG A 5 4.05 8.35 2.46
C ARG A 5 2.74 8.55 1.67
N CYS A 6 1.74 7.71 1.98
CA CYS A 6 0.41 7.74 1.37
C CYS A 6 -0.60 7.19 2.36
N ARG A 7 -1.83 7.72 2.32
CA ARG A 7 -2.92 7.29 3.19
C ARG A 7 -3.90 6.46 2.36
N THR A 8 -4.20 5.26 2.82
CA THR A 8 -5.14 4.35 2.18
C THR A 8 -6.58 4.87 2.41
N LEU A 9 -7.44 4.79 1.39
CA LEU A 9 -8.84 5.20 1.50
C LEU A 9 -9.65 4.02 2.08
N TYR A 10 -9.88 3.02 1.21
CA TYR A 10 -10.61 1.78 1.55
C TYR A 10 -9.96 0.63 0.75
N PRO A 11 -9.09 -0.20 1.42
CA PRO A 11 -8.42 -1.35 0.77
C PRO A 11 -9.39 -2.50 0.45
N PHE A 12 -9.82 -2.60 -0.82
CA PHE A 12 -10.68 -3.69 -1.31
C PHE A 12 -9.83 -4.84 -1.86
N SER A 13 -10.45 -6.02 -1.97
CA SER A 13 -9.77 -7.26 -2.37
C SER A 13 -10.75 -8.23 -3.07
N GLY A 14 -10.22 -9.37 -3.53
CA GLY A 14 -11.01 -10.41 -4.19
C GLY A 14 -10.19 -11.68 -4.41
N GLU A 15 -9.00 -11.50 -5.00
CA GLU A 15 -8.05 -12.61 -5.17
C GLU A 15 -7.20 -12.73 -3.89
N ARG A 16 -7.72 -13.47 -2.91
CA ARG A 16 -7.03 -13.79 -1.67
C ARG A 16 -6.46 -15.21 -1.78
N HIS A 17 -5.16 -15.29 -2.08
CA HIS A 17 -4.44 -16.57 -2.20
C HIS A 17 -3.03 -16.39 -1.65
N GLY A 18 -2.66 -17.22 -0.66
CA GLY A 18 -1.38 -17.10 0.05
C GLY A 18 -1.39 -15.94 1.05
N GLN A 19 -0.23 -15.29 1.22
CA GLN A 19 -0.04 -14.17 2.17
C GLN A 19 -0.24 -12.80 1.47
N GLY A 20 -1.45 -12.58 0.93
CA GLY A 20 -1.83 -11.29 0.34
C GLY A 20 -1.82 -10.18 1.40
N LEU A 21 -1.27 -9.00 1.06
CA LEU A 21 -0.98 -7.93 2.03
C LEU A 21 -2.24 -7.05 2.23
N ARG A 22 -2.80 -7.10 3.45
CA ARG A 22 -4.04 -6.38 3.79
C ARG A 22 -3.70 -5.10 4.53
N PHE A 23 -4.05 -3.95 3.92
CA PHE A 23 -3.96 -2.63 4.57
C PHE A 23 -5.24 -2.36 5.38
N ALA A 24 -5.15 -1.46 6.36
CA ALA A 24 -6.33 -0.92 7.07
C ALA A 24 -6.80 0.34 6.34
N ALA A 25 -8.09 0.70 6.46
CA ALA A 25 -8.63 1.96 5.92
C ALA A 25 -8.13 3.17 6.74
N GLY A 26 -7.68 4.23 6.04
CA GLY A 26 -7.14 5.44 6.69
C GLY A 26 -5.70 5.28 7.18
N GLU A 27 -5.08 4.13 6.86
CA GLU A 27 -3.75 3.73 7.36
C GLU A 27 -2.63 4.49 6.62
N LEU A 28 -1.59 4.88 7.37
CA LEU A 28 -0.44 5.63 6.84
C LEU A 28 0.65 4.63 6.41
N ILE A 29 0.78 4.43 5.09
CA ILE A 29 1.69 3.47 4.46
C ILE A 29 2.71 4.22 3.58
N THR A 30 4.01 3.92 3.73
CA THR A 30 5.06 4.44 2.84
C THR A 30 5.28 3.44 1.67
N LEU A 31 5.45 3.96 0.45
CA LEU A 31 5.78 3.13 -0.72
C LEU A 31 7.26 2.69 -0.70
N LEU A 32 7.54 1.53 -1.30
CA LEU A 32 8.90 0.93 -1.34
C LEU A 32 9.49 1.00 -2.76
N GLN A 33 8.69 1.52 -3.70
CA GLN A 33 9.09 1.69 -5.11
C GLN A 33 8.47 2.99 -5.63
N VAL A 34 9.12 3.63 -6.63
CA VAL A 34 8.65 4.93 -7.21
C VAL A 34 8.63 4.93 -8.77
N PRO A 35 7.91 3.96 -9.46
CA PRO A 35 7.69 4.05 -10.92
C PRO A 35 6.59 5.10 -11.23
N ASP A 36 6.91 6.06 -12.10
CA ASP A 36 5.98 7.12 -12.52
C ASP A 36 4.78 6.49 -13.26
N GLY A 37 3.64 6.39 -12.54
CA GLY A 37 2.45 5.73 -13.04
C GLY A 37 2.60 4.22 -13.07
N GLY A 38 2.96 3.65 -11.91
CA GLY A 38 3.13 2.19 -11.76
C GLY A 38 2.66 1.68 -10.40
N TRP A 39 2.92 0.39 -10.14
CA TRP A 39 2.52 -0.27 -8.88
C TRP A 39 3.55 0.08 -7.79
N TRP A 40 3.07 0.31 -6.56
CA TRP A 40 3.92 0.62 -5.40
C TRP A 40 3.76 -0.47 -4.35
N GLU A 41 4.88 -0.91 -3.74
CA GLU A 41 4.83 -1.89 -2.65
C GLU A 41 4.66 -1.15 -1.33
N GLY A 42 3.61 -1.51 -0.60
CA GLY A 42 3.37 -0.93 0.70
C GLY A 42 4.14 -1.67 1.79
N GLU A 43 4.63 -0.92 2.78
CA GLU A 43 5.27 -1.49 3.99
C GLU A 43 4.28 -1.42 5.14
N LYS A 44 4.31 -2.43 6.00
CA LYS A 44 3.53 -2.46 7.24
C LYS A 44 4.43 -2.83 8.43
N GLU A 45 4.04 -2.35 9.61
CA GLU A 45 4.67 -2.71 10.90
C GLU A 45 4.40 -4.21 11.22
N ASP A 46 3.33 -4.74 10.59
CA ASP A 46 3.00 -6.18 10.55
C ASP A 46 4.21 -7.02 10.09
N GLY A 47 4.97 -6.47 9.12
CA GLY A 47 6.24 -7.07 8.67
C GLY A 47 6.16 -7.67 7.27
N LEU A 48 4.96 -7.69 6.65
CA LEU A 48 4.79 -8.17 5.25
C LEU A 48 4.91 -7.02 4.24
N ARG A 49 4.93 -7.40 2.96
CA ARG A 49 5.13 -6.52 1.79
C ARG A 49 4.28 -7.03 0.62
N GLY A 50 3.81 -6.10 -0.22
CA GLY A 50 3.06 -6.43 -1.44
C GLY A 50 2.77 -5.20 -2.28
N TRP A 51 2.64 -5.38 -3.60
CA TRP A 51 2.46 -4.29 -4.58
C TRP A 51 0.97 -4.12 -4.91
N PHE A 52 0.50 -2.86 -4.81
CA PHE A 52 -0.90 -2.46 -5.06
C PHE A 52 -0.92 -1.15 -5.87
N PRO A 53 -2.01 -0.87 -6.66
CA PRO A 53 -2.13 0.36 -7.47
C PRO A 53 -2.44 1.60 -6.61
N ALA A 54 -2.31 2.78 -7.24
CA ALA A 54 -2.60 4.09 -6.62
C ALA A 54 -4.10 4.27 -6.31
N SER A 55 -4.94 3.40 -6.91
CA SER A 55 -6.40 3.40 -6.75
C SER A 55 -6.83 3.29 -5.26
N TYR A 56 -6.06 2.54 -4.46
CA TYR A 56 -6.41 2.26 -3.04
C TYR A 56 -5.69 3.20 -2.06
N VAL A 57 -4.71 3.98 -2.55
CA VAL A 57 -3.89 4.91 -1.72
C VAL A 57 -4.00 6.35 -2.23
N GLN A 58 -3.65 7.31 -1.37
CA GLN A 58 -3.67 8.75 -1.68
C GLN A 58 -2.34 9.36 -1.24
N LEU A 59 -1.56 9.87 -2.21
CA LEU A 59 -0.23 10.47 -1.95
C LEU A 59 -0.34 11.65 -0.97
N LEU A 60 0.54 11.65 0.04
CA LEU A 60 0.61 12.71 1.07
C LEU A 60 1.84 13.59 0.79
N MET A 1 10.12 15.16 10.49
CA MET A 1 10.62 14.13 9.56
C MET A 1 10.05 14.39 8.17
N SER A 2 10.93 14.62 7.18
CA SER A 2 10.54 14.80 5.77
C SER A 2 10.51 13.43 5.07
N GLY A 3 9.42 13.15 4.34
CA GLY A 3 9.25 11.87 3.64
C GLY A 3 8.06 11.87 2.71
N ALA A 4 7.99 10.84 1.84
CA ALA A 4 6.91 10.67 0.85
C ALA A 4 6.14 9.37 1.14
N ARG A 5 4.81 9.46 1.10
CA ARG A 5 3.90 8.32 1.32
C ARG A 5 2.56 8.60 0.61
N CYS A 6 1.66 7.61 0.68
CA CYS A 6 0.26 7.75 0.25
C CYS A 6 -0.64 7.37 1.45
N ARG A 7 -1.97 7.35 1.26
CA ARG A 7 -2.91 6.97 2.32
C ARG A 7 -4.07 6.17 1.71
N THR A 8 -4.37 4.99 2.29
CA THR A 8 -5.42 4.06 1.78
C THR A 8 -6.83 4.65 1.93
N LEU A 9 -7.71 4.28 0.97
CA LEU A 9 -9.09 4.77 0.91
C LEU A 9 -9.99 3.92 1.82
N TYR A 10 -9.94 2.58 1.62
CA TYR A 10 -10.77 1.60 2.33
C TYR A 10 -9.90 0.36 2.70
N PRO A 11 -10.37 -0.58 3.61
CA PRO A 11 -9.62 -1.81 3.90
C PRO A 11 -9.59 -2.73 2.67
N PHE A 12 -8.50 -2.64 1.90
CA PHE A 12 -8.32 -3.40 0.64
C PHE A 12 -7.49 -4.67 0.89
N SER A 13 -7.70 -5.67 0.01
CA SER A 13 -7.03 -6.97 0.07
C SER A 13 -6.27 -7.25 -1.25
N GLY A 14 -6.50 -6.42 -2.29
CA GLY A 14 -5.99 -6.66 -3.63
C GLY A 14 -7.01 -7.37 -4.50
N GLU A 15 -7.63 -8.43 -3.91
CA GLU A 15 -8.70 -9.25 -4.55
C GLU A 15 -8.20 -9.99 -5.81
N ARG A 16 -6.87 -10.09 -5.94
CA ARG A 16 -6.19 -10.81 -7.04
C ARG A 16 -5.30 -11.90 -6.45
N HIS A 17 -5.04 -12.96 -7.24
CA HIS A 17 -4.19 -14.10 -6.81
C HIS A 17 -2.71 -13.67 -6.69
N GLY A 18 -1.94 -14.38 -5.85
CA GLY A 18 -0.52 -14.10 -5.63
C GLY A 18 -0.28 -13.47 -4.28
N GLN A 19 0.22 -12.22 -4.26
CA GLN A 19 0.52 -11.48 -3.03
C GLN A 19 -0.71 -10.65 -2.63
N GLY A 20 -1.70 -11.35 -2.06
CA GLY A 20 -2.89 -10.72 -1.51
C GLY A 20 -2.65 -10.29 -0.08
N LEU A 21 -2.24 -9.03 0.11
CA LEU A 21 -2.01 -8.44 1.43
C LEU A 21 -3.25 -7.61 1.84
N ARG A 22 -3.77 -7.83 3.06
CA ARG A 22 -4.78 -6.95 3.69
C ARG A 22 -4.07 -5.69 4.21
N PHE A 23 -4.82 -4.60 4.39
CA PHE A 23 -4.28 -3.37 4.99
C PHE A 23 -5.42 -2.53 5.56
N ALA A 24 -5.12 -1.76 6.61
CA ALA A 24 -6.07 -0.90 7.30
C ALA A 24 -6.33 0.39 6.51
N ALA A 25 -7.60 0.87 6.52
CA ALA A 25 -8.00 2.11 5.82
C ALA A 25 -7.43 3.34 6.50
N GLY A 26 -7.08 4.36 5.68
CA GLY A 26 -6.67 5.66 6.19
C GLY A 26 -5.26 5.65 6.79
N GLU A 27 -4.47 4.63 6.41
CA GLU A 27 -3.10 4.44 6.93
C GLU A 27 -2.05 4.75 5.84
N LEU A 28 -0.84 5.09 6.31
CA LEU A 28 0.25 5.59 5.44
C LEU A 28 0.96 4.43 4.72
N ILE A 29 1.00 4.51 3.40
CA ILE A 29 1.77 3.58 2.56
C ILE A 29 3.19 4.12 2.40
N THR A 30 4.14 3.46 3.10
CA THR A 30 5.54 3.78 3.01
C THR A 30 6.08 3.28 1.66
N LEU A 31 6.38 4.23 0.76
CA LEU A 31 6.82 3.92 -0.61
C LEU A 31 8.20 3.25 -0.55
N LEU A 32 8.20 1.90 -0.52
CA LEU A 32 9.40 1.06 -0.46
C LEU A 32 10.09 1.06 -1.83
N GLN A 33 9.31 0.73 -2.86
CA GLN A 33 9.74 0.79 -4.25
C GLN A 33 9.18 2.06 -4.89
N VAL A 34 10.01 2.77 -5.65
CA VAL A 34 9.66 4.03 -6.31
C VAL A 34 10.13 3.99 -7.79
N PRO A 35 9.29 3.44 -8.73
CA PRO A 35 9.59 3.41 -10.17
C PRO A 35 9.28 4.77 -10.86
N ASP A 36 9.42 4.80 -12.19
CA ASP A 36 9.11 5.99 -13.00
C ASP A 36 7.59 6.19 -13.10
N GLY A 37 6.83 5.10 -12.91
CA GLY A 37 5.37 5.13 -12.88
C GLY A 37 4.79 3.74 -12.67
N GLY A 38 3.45 3.68 -12.52
CA GLY A 38 2.71 2.44 -12.30
C GLY A 38 2.16 2.36 -10.90
N TRP A 39 2.84 1.59 -10.02
CA TRP A 39 2.40 1.35 -8.63
C TRP A 39 3.62 1.43 -7.69
N TRP A 40 3.35 1.54 -6.38
CA TRP A 40 4.39 1.57 -5.32
C TRP A 40 4.13 0.44 -4.34
N GLU A 41 5.20 -0.10 -3.75
CA GLU A 41 5.10 -1.14 -2.74
C GLU A 41 5.03 -0.49 -1.36
N GLY A 42 4.15 -1.02 -0.49
CA GLY A 42 4.01 -0.54 0.90
C GLY A 42 4.26 -1.65 1.90
N GLU A 43 4.58 -1.27 3.14
CA GLU A 43 4.93 -2.22 4.20
C GLU A 43 3.82 -2.25 5.26
N LYS A 44 3.21 -3.42 5.45
CA LYS A 44 2.26 -3.67 6.55
C LYS A 44 3.04 -3.91 7.86
N GLU A 45 2.40 -3.64 9.01
CA GLU A 45 3.05 -3.68 10.36
C GLU A 45 3.49 -5.10 10.80
N ASP A 46 3.13 -6.13 10.01
CA ASP A 46 3.62 -7.53 10.20
C ASP A 46 5.06 -7.70 9.64
N GLY A 47 5.55 -6.65 8.93
CA GLY A 47 6.81 -6.71 8.17
C GLY A 47 6.61 -7.21 6.75
N LEU A 48 5.36 -7.61 6.42
CA LEU A 48 4.97 -8.14 5.10
C LEU A 48 4.79 -6.99 4.09
N ARG A 49 5.25 -7.23 2.86
CA ARG A 49 5.13 -6.29 1.73
C ARG A 49 4.08 -6.86 0.77
N GLY A 50 3.37 -5.97 0.05
CA GLY A 50 2.28 -6.39 -0.83
C GLY A 50 1.98 -5.41 -1.95
N TRP A 51 0.94 -5.74 -2.72
CA TRP A 51 0.46 -4.89 -3.82
C TRP A 51 -0.26 -3.66 -3.28
N PHE A 52 0.19 -2.47 -3.73
CA PHE A 52 -0.45 -1.18 -3.41
C PHE A 52 -0.48 -0.27 -4.66
N PRO A 53 -1.54 -0.45 -5.52
CA PRO A 53 -1.81 0.47 -6.65
C PRO A 53 -2.13 1.91 -6.15
N ALA A 54 -1.80 2.89 -7.02
CA ALA A 54 -2.18 4.30 -6.82
C ALA A 54 -3.72 4.48 -6.86
N SER A 55 -4.41 3.44 -7.37
CA SER A 55 -5.88 3.35 -7.38
C SER A 55 -6.44 3.19 -5.95
N TYR A 56 -5.72 2.41 -5.13
CA TYR A 56 -6.14 2.03 -3.76
C TYR A 56 -5.85 3.12 -2.73
N VAL A 57 -5.05 4.13 -3.13
CA VAL A 57 -4.54 5.16 -2.23
C VAL A 57 -4.71 6.56 -2.84
N GLN A 58 -4.96 7.54 -1.97
CA GLN A 58 -4.93 8.97 -2.33
C GLN A 58 -3.53 9.50 -1.97
N LEU A 59 -2.88 10.14 -2.95
CA LEU A 59 -1.52 10.69 -2.80
C LEU A 59 -1.51 11.88 -1.83
N LEU A 60 -0.69 11.81 -0.77
CA LEU A 60 -0.56 12.88 0.22
C LEU A 60 0.44 13.95 -0.27
N MET A 1 10.82 5.44 0.71
CA MET A 1 10.82 5.40 2.19
C MET A 1 10.63 6.82 2.76
N SER A 2 11.59 7.72 2.43
CA SER A 2 11.66 9.09 2.94
C SER A 2 10.48 9.94 2.42
N GLY A 3 9.40 10.02 3.21
CA GLY A 3 8.24 10.88 2.91
C GLY A 3 7.22 10.25 1.97
N ALA A 4 7.72 9.51 0.96
CA ALA A 4 6.87 8.86 -0.06
C ALA A 4 5.87 7.87 0.58
N ARG A 5 4.60 8.30 0.66
CA ARG A 5 3.51 7.53 1.29
C ARG A 5 2.20 7.71 0.53
N CYS A 6 1.23 6.88 0.93
CA CYS A 6 -0.16 6.93 0.47
C CYS A 6 -1.07 6.81 1.70
N ARG A 7 -2.38 7.00 1.50
CA ARG A 7 -3.39 6.77 2.53
C ARG A 7 -4.42 5.78 1.96
N THR A 8 -4.88 4.87 2.81
CA THR A 8 -5.87 3.88 2.46
C THR A 8 -7.29 4.48 2.55
N LEU A 9 -8.13 4.18 1.55
CA LEU A 9 -9.50 4.71 1.46
C LEU A 9 -10.39 3.96 2.46
N TYR A 10 -10.59 2.65 2.20
CA TYR A 10 -11.45 1.76 3.00
C TYR A 10 -10.77 0.37 3.06
N PRO A 11 -11.08 -0.50 4.09
CA PRO A 11 -10.47 -1.85 4.19
C PRO A 11 -10.90 -2.77 3.03
N PHE A 12 -10.14 -2.72 1.92
CA PHE A 12 -10.43 -3.48 0.70
C PHE A 12 -9.71 -4.83 0.73
N SER A 13 -10.36 -5.83 0.13
CA SER A 13 -9.80 -7.17 -0.10
C SER A 13 -10.50 -7.78 -1.32
N GLY A 14 -9.88 -8.81 -1.92
CA GLY A 14 -10.46 -9.49 -3.09
C GLY A 14 -11.72 -10.26 -2.74
N GLU A 15 -11.53 -11.50 -2.26
CA GLU A 15 -12.61 -12.39 -1.78
C GLU A 15 -12.07 -13.21 -0.57
N ARG A 16 -12.99 -13.77 0.24
CA ARG A 16 -12.62 -14.53 1.44
C ARG A 16 -12.08 -15.94 1.06
N HIS A 17 -10.78 -15.96 0.71
CA HIS A 17 -9.97 -17.17 0.43
C HIS A 17 -8.62 -16.69 -0.13
N GLY A 18 -8.70 -15.80 -1.14
CA GLY A 18 -7.53 -15.28 -1.84
C GLY A 18 -6.65 -14.38 -0.98
N GLN A 19 -5.34 -14.39 -1.28
CA GLN A 19 -4.32 -13.67 -0.50
C GLN A 19 -4.25 -12.18 -0.87
N GLY A 20 -3.60 -11.40 0.01
CA GLY A 20 -3.41 -9.97 -0.16
C GLY A 20 -3.02 -9.30 1.16
N LEU A 21 -2.45 -8.08 1.08
CA LEU A 21 -2.03 -7.33 2.28
C LEU A 21 -3.21 -6.46 2.76
N ARG A 22 -3.71 -6.76 3.97
CA ARG A 22 -4.88 -6.09 4.55
C ARG A 22 -4.47 -4.79 5.28
N PHE A 23 -5.45 -3.86 5.38
CA PHE A 23 -5.23 -2.50 5.87
C PHE A 23 -6.56 -1.92 6.40
N ALA A 24 -6.45 -1.04 7.40
CA ALA A 24 -7.60 -0.31 7.98
C ALA A 24 -7.76 1.05 7.28
N ALA A 25 -9.01 1.54 7.18
CA ALA A 25 -9.34 2.82 6.51
C ALA A 25 -8.65 4.01 7.22
N GLY A 26 -7.72 4.67 6.50
CA GLY A 26 -7.06 5.89 6.99
C GLY A 26 -5.58 5.75 7.28
N GLU A 27 -5.07 4.49 7.34
CA GLU A 27 -3.63 4.24 7.62
C GLU A 27 -2.76 4.66 6.43
N LEU A 28 -1.46 4.80 6.71
CA LEU A 28 -0.47 5.26 5.73
C LEU A 28 0.27 4.05 5.16
N ILE A 29 0.30 3.92 3.83
CA ILE A 29 1.16 2.95 3.13
C ILE A 29 2.48 3.64 2.77
N THR A 30 3.56 3.27 3.46
CA THR A 30 4.89 3.84 3.20
C THR A 30 5.49 3.21 1.95
N LEU A 31 5.55 4.01 0.85
CA LEU A 31 6.13 3.59 -0.42
C LEU A 31 7.66 3.46 -0.25
N LEU A 32 8.17 2.23 -0.39
CA LEU A 32 9.59 1.90 -0.12
C LEU A 32 10.48 2.43 -1.25
N GLN A 33 10.09 2.10 -2.48
CA GLN A 33 10.80 2.49 -3.70
C GLN A 33 9.77 2.69 -4.83
N VAL A 34 10.20 3.32 -5.94
CA VAL A 34 9.40 3.48 -7.18
C VAL A 34 9.87 2.44 -8.25
N PRO A 35 9.36 1.16 -8.22
CA PRO A 35 9.83 0.08 -9.13
C PRO A 35 9.29 0.27 -10.57
N ASP A 36 8.05 0.76 -10.67
CA ASP A 36 7.37 1.07 -11.93
C ASP A 36 7.25 2.59 -12.07
N GLY A 37 6.42 3.20 -11.19
CA GLY A 37 6.12 4.63 -11.22
C GLY A 37 4.65 4.90 -10.93
N GLY A 38 3.79 3.99 -11.41
CA GLY A 38 2.36 3.97 -11.08
C GLY A 38 2.07 2.93 -10.02
N TRP A 39 2.69 1.75 -10.18
CA TRP A 39 2.73 0.71 -9.15
C TRP A 39 3.92 0.98 -8.22
N TRP A 40 3.70 0.82 -6.91
CA TRP A 40 4.76 0.92 -5.89
C TRP A 40 4.74 -0.31 -5.00
N GLU A 41 5.68 -0.36 -4.06
CA GLU A 41 5.79 -1.40 -3.03
C GLU A 41 5.65 -0.73 -1.65
N GLY A 42 5.10 -1.47 -0.69
CA GLY A 42 4.88 -0.97 0.66
C GLY A 42 4.90 -2.11 1.67
N GLU A 43 5.74 -1.98 2.70
CA GLU A 43 5.91 -3.01 3.73
C GLU A 43 5.14 -2.61 4.98
N LYS A 44 4.22 -3.49 5.41
CA LYS A 44 3.45 -3.33 6.64
C LYS A 44 4.31 -3.65 7.87
N GLU A 45 3.79 -3.28 9.05
CA GLU A 45 4.47 -3.42 10.36
C GLU A 45 5.00 -4.84 10.64
N ASP A 46 4.26 -5.86 10.18
CA ASP A 46 4.60 -7.28 10.44
C ASP A 46 5.75 -7.78 9.53
N GLY A 47 6.03 -7.04 8.45
CA GLY A 47 7.09 -7.40 7.49
C GLY A 47 6.55 -7.84 6.13
N LEU A 48 5.22 -7.99 6.00
CA LEU A 48 4.57 -8.35 4.72
C LEU A 48 4.68 -7.18 3.72
N ARG A 49 5.25 -7.47 2.54
CA ARG A 49 5.47 -6.48 1.49
C ARG A 49 4.44 -6.70 0.38
N GLY A 50 3.74 -5.63 -0.01
CA GLY A 50 2.66 -5.71 -1.00
C GLY A 50 2.75 -4.59 -2.03
N TRP A 51 2.19 -4.83 -3.21
CA TRP A 51 2.07 -3.82 -4.28
C TRP A 51 0.87 -2.90 -3.99
N PHE A 52 1.06 -1.59 -4.22
CA PHE A 52 0.02 -0.57 -4.06
C PHE A 52 0.15 0.46 -5.21
N PRO A 53 -0.78 0.42 -6.23
CA PRO A 53 -0.85 1.44 -7.29
C PRO A 53 -1.61 2.71 -6.82
N ALA A 54 -1.46 3.80 -7.60
CA ALA A 54 -2.14 5.09 -7.37
C ALA A 54 -3.66 4.93 -7.52
N SER A 55 -4.07 3.98 -8.38
CA SER A 55 -5.48 3.68 -8.67
C SER A 55 -6.15 2.87 -7.53
N TYR A 56 -5.47 2.69 -6.38
CA TYR A 56 -5.98 1.92 -5.24
C TYR A 56 -5.95 2.80 -3.98
N VAL A 57 -4.81 3.50 -3.79
CA VAL A 57 -4.54 4.34 -2.61
C VAL A 57 -4.04 5.74 -3.07
N GLN A 58 -4.49 6.82 -2.38
CA GLN A 58 -4.16 8.22 -2.78
C GLN A 58 -2.85 8.69 -2.11
N LEU A 59 -1.97 9.30 -2.92
CA LEU A 59 -0.66 9.85 -2.46
C LEU A 59 -0.84 10.98 -1.43
N LEU A 60 0.09 11.06 -0.47
CA LEU A 60 0.10 12.10 0.58
C LEU A 60 1.03 13.26 0.15
N MET A 1 11.20 8.11 6.70
CA MET A 1 10.64 9.48 6.55
C MET A 1 10.93 10.06 5.14
N SER A 2 12.14 9.76 4.61
CA SER A 2 12.69 10.39 3.39
C SER A 2 12.38 9.51 2.17
N GLY A 3 11.16 9.66 1.64
CA GLY A 3 10.71 8.88 0.48
C GLY A 3 9.37 9.38 -0.03
N ALA A 4 8.36 8.49 -0.05
CA ALA A 4 7.00 8.81 -0.52
C ALA A 4 5.98 8.25 0.46
N ARG A 5 4.82 8.93 0.57
CA ARG A 5 3.72 8.54 1.48
C ARG A 5 2.40 8.45 0.72
N CYS A 6 1.50 7.64 1.27
CA CYS A 6 0.12 7.45 0.80
C CYS A 6 -0.80 7.26 2.01
N ARG A 7 -2.10 7.22 1.75
CA ARG A 7 -3.12 6.94 2.76
C ARG A 7 -4.21 6.09 2.12
N THR A 8 -4.58 5.00 2.77
CA THR A 8 -5.56 4.03 2.27
C THR A 8 -6.97 4.65 2.23
N LEU A 9 -7.61 4.57 1.04
CA LEU A 9 -8.97 5.08 0.82
C LEU A 9 -9.97 4.22 1.61
N TYR A 10 -9.99 2.92 1.29
CA TYR A 10 -10.91 1.93 1.89
C TYR A 10 -10.13 0.62 2.15
N PRO A 11 -10.57 -0.23 3.14
CA PRO A 11 -9.80 -1.43 3.55
C PRO A 11 -10.06 -2.67 2.67
N PHE A 12 -10.39 -2.45 1.38
CA PHE A 12 -10.67 -3.54 0.43
C PHE A 12 -9.36 -3.93 -0.26
N SER A 13 -8.77 -5.04 0.21
CA SER A 13 -7.50 -5.56 -0.27
C SER A 13 -7.54 -7.09 -0.14
N GLY A 14 -7.10 -7.80 -1.20
CA GLY A 14 -7.24 -9.24 -1.28
C GLY A 14 -8.64 -9.63 -1.75
N GLU A 15 -9.04 -9.04 -2.90
CA GLU A 15 -10.37 -9.22 -3.50
C GLU A 15 -10.65 -10.70 -3.84
N ARG A 16 -11.48 -11.36 -3.00
CA ARG A 16 -11.94 -12.77 -3.19
C ARG A 16 -10.77 -13.78 -3.18
N HIS A 17 -9.63 -13.34 -2.64
CA HIS A 17 -8.37 -14.08 -2.71
C HIS A 17 -7.47 -13.63 -1.54
N GLY A 18 -7.13 -14.57 -0.64
CA GLY A 18 -6.22 -14.30 0.47
C GLY A 18 -4.75 -14.26 0.02
N GLN A 19 -3.81 -14.38 0.99
CA GLN A 19 -2.35 -14.46 0.77
C GLN A 19 -1.72 -13.12 0.30
N GLY A 20 -2.56 -12.09 0.09
CA GLY A 20 -2.08 -10.74 -0.27
C GLY A 20 -1.94 -9.86 0.96
N LEU A 21 -1.49 -8.60 0.76
CA LEU A 21 -1.37 -7.65 1.86
C LEU A 21 -2.68 -6.87 1.99
N ARG A 22 -3.39 -7.09 3.11
CA ARG A 22 -4.60 -6.36 3.46
C ARG A 22 -4.21 -5.02 4.13
N PHE A 23 -4.92 -3.94 3.78
CA PHE A 23 -4.67 -2.60 4.31
C PHE A 23 -5.85 -2.16 5.18
N ALA A 24 -5.57 -1.58 6.35
CA ALA A 24 -6.59 -0.96 7.21
C ALA A 24 -6.83 0.49 6.73
N ALA A 25 -8.11 0.91 6.71
CA ALA A 25 -8.51 2.25 6.19
C ALA A 25 -7.93 3.39 7.06
N GLY A 26 -7.40 4.42 6.39
CA GLY A 26 -6.86 5.61 7.06
C GLY A 26 -5.37 5.52 7.37
N GLU A 27 -4.79 4.31 7.26
CA GLU A 27 -3.36 4.08 7.52
C GLU A 27 -2.47 4.81 6.51
N LEU A 28 -1.48 5.54 7.06
CA LEU A 28 -0.46 6.26 6.28
C LEU A 28 0.62 5.25 5.85
N ILE A 29 0.54 4.79 4.59
CA ILE A 29 1.42 3.75 4.05
C ILE A 29 2.59 4.42 3.30
N THR A 30 3.81 4.22 3.82
CA THR A 30 5.04 4.71 3.18
C THR A 30 5.36 3.81 1.97
N LEU A 31 5.52 4.45 0.80
CA LEU A 31 6.02 3.80 -0.41
C LEU A 31 7.54 3.65 -0.29
N LEU A 32 8.03 2.40 -0.45
CA LEU A 32 9.46 2.08 -0.32
C LEU A 32 10.25 2.58 -1.53
N GLN A 33 9.74 2.21 -2.71
CA GLN A 33 10.41 2.47 -3.98
C GLN A 33 9.34 2.55 -5.07
N VAL A 34 9.72 3.13 -6.22
CA VAL A 34 8.89 3.21 -7.42
C VAL A 34 9.32 2.12 -8.44
N PRO A 35 8.74 0.87 -8.36
CA PRO A 35 9.19 -0.31 -9.17
C PRO A 35 8.68 -0.30 -10.63
N ASP A 36 7.84 0.70 -10.95
CA ASP A 36 7.20 0.83 -12.26
C ASP A 36 6.67 2.26 -12.43
N GLY A 37 5.62 2.59 -11.65
CA GLY A 37 4.91 3.86 -11.76
C GLY A 37 3.44 3.68 -11.45
N GLY A 38 2.80 2.72 -12.14
CA GLY A 38 1.42 2.34 -11.86
C GLY A 38 1.32 1.56 -10.55
N TRP A 39 2.22 0.60 -10.41
CA TRP A 39 2.38 -0.20 -9.18
C TRP A 39 3.48 0.45 -8.31
N TRP A 40 3.20 0.56 -6.99
CA TRP A 40 4.16 1.06 -5.99
C TRP A 40 4.18 0.14 -4.75
N GLU A 41 5.35 0.07 -4.08
CA GLU A 41 5.61 -0.86 -2.96
C GLU A 41 5.25 -0.22 -1.61
N GLY A 42 4.76 -1.03 -0.68
CA GLY A 42 4.42 -0.61 0.69
C GLY A 42 4.65 -1.75 1.68
N GLU A 43 4.58 -1.45 3.00
CA GLU A 43 4.83 -2.42 4.08
C GLU A 43 3.67 -2.50 5.08
N LYS A 44 3.75 -3.56 5.91
CA LYS A 44 2.99 -3.71 7.14
C LYS A 44 4.03 -4.00 8.24
N GLU A 45 3.75 -3.52 9.47
CA GLU A 45 4.65 -3.69 10.65
C GLU A 45 4.75 -5.18 11.08
N ASP A 46 3.90 -6.05 10.49
CA ASP A 46 3.87 -7.50 10.74
C ASP A 46 5.02 -8.23 9.98
N GLY A 47 5.73 -7.50 9.09
CA GLY A 47 6.87 -8.03 8.33
C GLY A 47 6.51 -8.37 6.89
N LEU A 48 5.21 -8.41 6.59
CA LEU A 48 4.69 -8.71 5.24
C LEU A 48 4.56 -7.40 4.43
N ARG A 49 5.04 -7.43 3.19
CA ARG A 49 4.98 -6.29 2.25
C ARG A 49 4.02 -6.61 1.11
N GLY A 50 3.78 -5.61 0.25
CA GLY A 50 2.97 -5.77 -0.96
C GLY A 50 3.10 -4.59 -1.88
N TRP A 51 2.89 -4.82 -3.19
CA TRP A 51 2.97 -3.77 -4.23
C TRP A 51 1.61 -3.74 -4.95
N PHE A 52 1.02 -2.54 -4.99
CA PHE A 52 -0.39 -2.33 -5.41
C PHE A 52 -0.51 -1.00 -6.20
N PRO A 53 -1.56 -0.84 -7.08
CA PRO A 53 -1.80 0.42 -7.83
C PRO A 53 -2.24 1.58 -6.91
N ALA A 54 -1.95 2.83 -7.37
CA ALA A 54 -2.28 4.08 -6.66
C ALA A 54 -3.79 4.34 -6.58
N SER A 55 -4.56 3.60 -7.40
CA SER A 55 -6.04 3.69 -7.47
C SER A 55 -6.72 3.45 -6.10
N TYR A 56 -6.03 2.74 -5.18
CA TYR A 56 -6.61 2.32 -3.87
C TYR A 56 -6.03 3.15 -2.69
N VAL A 57 -5.01 4.00 -2.97
CA VAL A 57 -4.32 4.82 -1.93
C VAL A 57 -4.13 6.27 -2.46
N GLN A 58 -4.62 7.27 -1.70
CA GLN A 58 -4.42 8.69 -2.04
C GLN A 58 -3.03 9.15 -1.59
N LEU A 59 -2.27 9.74 -2.53
CA LEU A 59 -0.87 10.11 -2.32
C LEU A 59 -0.75 11.33 -1.41
N LEU A 60 0.16 11.26 -0.42
CA LEU A 60 0.48 12.37 0.48
C LEU A 60 1.77 13.06 -0.01
N MET A 1 12.81 6.00 8.04
CA MET A 1 13.15 6.05 6.60
C MET A 1 12.35 7.16 5.91
N SER A 2 13.05 8.05 5.20
CA SER A 2 12.43 9.05 4.33
C SER A 2 11.89 8.34 3.06
N GLY A 3 10.55 8.18 3.01
CA GLY A 3 9.88 7.53 1.89
C GLY A 3 8.53 8.15 1.62
N ALA A 4 7.97 7.87 0.43
CA ALA A 4 6.64 8.35 0.02
C ALA A 4 5.57 7.64 0.87
N ARG A 5 4.53 8.36 1.28
CA ARG A 5 3.47 7.83 2.15
C ARG A 5 2.10 8.05 1.52
N CYS A 6 1.25 7.03 1.63
CA CYS A 6 -0.12 7.04 1.14
C CYS A 6 -1.07 6.60 2.25
N ARG A 7 -2.38 6.75 2.01
CA ARG A 7 -3.43 6.28 2.92
C ARG A 7 -4.58 5.71 2.10
N THR A 8 -5.13 4.58 2.55
CA THR A 8 -6.30 3.95 1.92
C THR A 8 -7.56 4.82 2.08
N LEU A 9 -8.25 5.08 0.95
CA LEU A 9 -9.49 5.85 0.91
C LEU A 9 -10.63 5.00 1.47
N TYR A 10 -10.57 3.71 1.14
CA TYR A 10 -11.53 2.67 1.55
C TYR A 10 -10.72 1.48 2.13
N PRO A 11 -11.30 0.66 3.07
CA PRO A 11 -10.59 -0.51 3.65
C PRO A 11 -10.34 -1.60 2.60
N PHE A 12 -9.19 -2.28 2.72
CA PHE A 12 -8.86 -3.44 1.88
C PHE A 12 -9.40 -4.67 2.59
N SER A 13 -10.49 -5.22 2.04
CA SER A 13 -11.20 -6.37 2.61
C SER A 13 -10.27 -7.59 2.73
N GLY A 14 -10.38 -8.31 3.86
CA GLY A 14 -9.60 -9.52 4.11
C GLY A 14 -10.14 -10.70 3.33
N GLU A 15 -9.91 -10.67 2.00
CA GLU A 15 -10.40 -11.67 1.04
C GLU A 15 -9.66 -12.98 1.24
N ARG A 16 -10.30 -13.89 2.00
CA ARG A 16 -9.76 -15.21 2.33
C ARG A 16 -9.93 -16.16 1.13
N HIS A 17 -9.05 -15.94 0.14
CA HIS A 17 -8.98 -16.73 -1.10
C HIS A 17 -7.68 -16.32 -1.81
N GLY A 18 -6.61 -17.11 -1.59
CA GLY A 18 -5.27 -16.79 -2.10
C GLY A 18 -4.44 -16.05 -1.05
N GLN A 19 -3.81 -14.93 -1.45
CA GLN A 19 -2.97 -14.12 -0.55
C GLN A 19 -2.90 -12.66 -1.06
N GLY A 20 -2.91 -11.71 -0.11
CA GLY A 20 -2.86 -10.28 -0.42
C GLY A 20 -2.47 -9.47 0.81
N LEU A 21 -1.93 -8.25 0.60
CA LEU A 21 -1.46 -7.38 1.68
C LEU A 21 -2.62 -6.46 2.14
N ARG A 22 -2.91 -6.47 3.44
CA ARG A 22 -4.05 -5.75 4.05
C ARG A 22 -3.65 -4.31 4.45
N PHE A 23 -4.51 -3.34 4.11
CA PHE A 23 -4.51 -1.98 4.70
C PHE A 23 -5.97 -1.49 4.80
N ALA A 24 -6.47 -1.36 6.04
CA ALA A 24 -7.81 -0.81 6.31
C ALA A 24 -7.76 0.73 6.23
N ALA A 25 -8.94 1.37 5.99
CA ALA A 25 -9.04 2.84 5.76
C ALA A 25 -8.49 3.63 6.97
N GLY A 26 -7.45 4.45 6.72
CA GLY A 26 -6.76 5.21 7.77
C GLY A 26 -5.30 4.78 7.97
N GLU A 27 -4.97 3.55 7.56
CA GLU A 27 -3.58 3.03 7.62
C GLU A 27 -2.69 3.70 6.55
N LEU A 28 -1.42 3.95 6.94
CA LEU A 28 -0.43 4.61 6.06
C LEU A 28 0.42 3.55 5.34
N ILE A 29 0.32 3.56 4.00
CA ILE A 29 1.09 2.66 3.13
C ILE A 29 2.45 3.34 2.87
N THR A 30 3.51 2.79 3.49
CA THR A 30 4.86 3.36 3.37
C THR A 30 5.52 2.81 2.09
N LEU A 31 5.54 3.66 1.05
CA LEU A 31 6.09 3.33 -0.26
C LEU A 31 7.63 3.34 -0.21
N LEU A 32 8.20 2.14 -0.19
CA LEU A 32 9.66 1.93 -0.21
C LEU A 32 10.19 2.12 -1.64
N GLN A 33 9.44 1.56 -2.61
CA GLN A 33 9.76 1.62 -4.04
C GLN A 33 8.60 2.29 -4.79
N VAL A 34 8.95 3.18 -5.74
CA VAL A 34 7.99 3.89 -6.60
C VAL A 34 8.52 3.92 -8.05
N PRO A 35 8.51 2.75 -8.79
CA PRO A 35 8.96 2.69 -10.20
C PRO A 35 7.96 3.39 -11.17
N ASP A 36 8.38 3.57 -12.43
CA ASP A 36 7.56 4.18 -13.49
C ASP A 36 6.40 3.24 -13.87
N GLY A 37 5.27 3.45 -13.19
CA GLY A 37 4.06 2.65 -13.38
C GLY A 37 3.05 2.89 -12.27
N GLY A 38 2.05 2.00 -12.17
CA GLY A 38 1.00 2.11 -11.14
C GLY A 38 1.30 1.30 -9.87
N TRP A 39 2.04 0.20 -10.03
CA TRP A 39 2.24 -0.81 -8.97
C TRP A 39 3.52 -0.51 -8.17
N TRP A 40 3.34 0.10 -6.99
CA TRP A 40 4.43 0.55 -6.13
C TRP A 40 4.46 -0.31 -4.86
N GLU A 41 5.65 -0.48 -4.26
CA GLU A 41 5.82 -1.35 -3.08
C GLU A 41 5.60 -0.54 -1.80
N GLY A 42 4.69 -1.05 -0.97
CA GLY A 42 4.38 -0.48 0.34
C GLY A 42 4.58 -1.53 1.41
N GLU A 43 5.13 -1.14 2.55
CA GLU A 43 5.42 -2.08 3.65
C GLU A 43 4.42 -1.88 4.80
N LYS A 44 4.02 -3.01 5.37
CA LYS A 44 3.19 -3.09 6.58
C LYS A 44 4.13 -3.30 7.79
N GLU A 45 3.72 -2.85 8.99
CA GLU A 45 4.58 -2.87 10.21
C GLU A 45 4.84 -4.31 10.69
N ASP A 46 4.07 -5.29 10.19
CA ASP A 46 4.28 -6.73 10.45
C ASP A 46 5.58 -7.25 9.78
N GLY A 47 6.04 -6.52 8.75
CA GLY A 47 7.21 -6.91 7.94
C GLY A 47 6.82 -7.37 6.54
N LEU A 48 5.50 -7.53 6.31
CA LEU A 48 4.95 -7.95 5.02
C LEU A 48 4.98 -6.76 4.03
N ARG A 49 5.67 -6.94 2.90
CA ARG A 49 5.68 -5.99 1.78
C ARG A 49 4.82 -6.53 0.65
N GLY A 50 4.37 -5.64 -0.22
CA GLY A 50 3.58 -6.00 -1.37
C GLY A 50 3.36 -4.82 -2.30
N TRP A 51 2.96 -5.13 -3.53
CA TRP A 51 2.64 -4.13 -4.55
C TRP A 51 1.18 -3.69 -4.40
N PHE A 52 0.96 -2.39 -4.54
CA PHE A 52 -0.37 -1.77 -4.46
C PHE A 52 -0.54 -0.83 -5.66
N PRO A 53 -1.76 -0.79 -6.30
CA PRO A 53 -2.04 0.19 -7.35
C PRO A 53 -2.14 1.61 -6.74
N ALA A 54 -1.50 2.58 -7.40
CA ALA A 54 -1.48 4.00 -7.02
C ALA A 54 -2.90 4.58 -7.01
N SER A 55 -3.80 3.97 -7.80
CA SER A 55 -5.22 4.33 -7.88
C SER A 55 -5.95 4.06 -6.54
N TYR A 56 -5.53 2.96 -5.85
CA TYR A 56 -6.20 2.47 -4.63
C TYR A 56 -5.73 3.25 -3.39
N VAL A 57 -4.58 3.92 -3.48
CA VAL A 57 -3.96 4.65 -2.36
C VAL A 57 -3.91 6.16 -2.65
N GLN A 58 -3.98 6.97 -1.58
CA GLN A 58 -4.07 8.44 -1.66
C GLN A 58 -2.77 9.07 -1.14
N LEU A 59 -2.06 9.79 -2.03
CA LEU A 59 -0.89 10.60 -1.65
C LEU A 59 -1.36 11.76 -0.75
N LEU A 60 -0.79 11.86 0.46
CA LEU A 60 -1.10 12.96 1.40
C LEU A 60 -0.37 14.26 0.96
N MET A 1 9.68 10.49 8.03
CA MET A 1 9.49 10.40 6.57
C MET A 1 10.78 9.87 5.92
N SER A 2 10.98 8.54 6.02
CA SER A 2 12.15 7.84 5.48
C SER A 2 12.00 7.66 3.96
N GLY A 3 10.90 6.99 3.59
CA GLY A 3 10.49 6.84 2.19
C GLY A 3 9.22 7.64 1.92
N ALA A 4 8.56 7.33 0.79
CA ALA A 4 7.25 7.92 0.46
C ALA A 4 6.16 7.30 1.35
N ARG A 5 4.98 7.95 1.39
CA ARG A 5 3.81 7.47 2.16
C ARG A 5 2.53 7.73 1.37
N CYS A 6 1.54 6.86 1.57
CA CYS A 6 0.21 6.98 0.96
C CYS A 6 -0.84 6.47 1.94
N ARG A 7 -2.02 7.12 1.91
CA ARG A 7 -3.12 6.82 2.82
C ARG A 7 -4.21 6.07 2.04
N THR A 8 -4.75 5.03 2.67
CA THR A 8 -5.73 4.11 2.09
C THR A 8 -7.13 4.73 2.01
N LEU A 9 -7.72 4.69 0.80
CA LEU A 9 -9.08 5.18 0.56
C LEU A 9 -10.11 4.29 1.28
N TYR A 10 -10.07 2.99 0.97
CA TYR A 10 -11.05 2.01 1.50
C TYR A 10 -10.31 0.79 2.10
N PRO A 11 -10.94 0.05 3.09
CA PRO A 11 -10.33 -1.14 3.70
C PRO A 11 -10.18 -2.30 2.69
N PHE A 12 -9.03 -2.99 2.75
CA PHE A 12 -8.80 -4.21 1.98
C PHE A 12 -8.74 -5.39 2.94
N SER A 13 -9.84 -6.15 3.01
CA SER A 13 -9.90 -7.43 3.70
C SER A 13 -10.71 -8.38 2.82
N GLY A 14 -10.08 -8.75 1.70
CA GLY A 14 -10.66 -9.70 0.75
C GLY A 14 -9.95 -11.05 0.84
N GLU A 15 -8.59 -10.98 0.87
CA GLU A 15 -7.70 -12.17 1.01
C GLU A 15 -7.97 -13.22 -0.11
N ARG A 16 -8.36 -12.72 -1.30
CA ARG A 16 -8.71 -13.58 -2.47
C ARG A 16 -7.47 -14.39 -2.93
N HIS A 17 -6.30 -13.73 -2.84
CA HIS A 17 -4.98 -14.31 -3.18
C HIS A 17 -4.06 -14.20 -1.97
N GLY A 18 -3.09 -15.13 -1.89
CA GLY A 18 -2.05 -15.12 -0.86
C GLY A 18 -1.11 -13.91 -1.00
N GLN A 19 -0.76 -13.59 -2.26
CA GLN A 19 0.09 -12.42 -2.57
C GLN A 19 -0.79 -11.15 -2.58
N GLY A 20 -0.92 -10.51 -1.40
CA GLY A 20 -1.70 -9.29 -1.27
C GLY A 20 -1.66 -8.75 0.16
N LEU A 21 -1.48 -7.43 0.29
CA LEU A 21 -1.41 -6.75 1.59
C LEU A 21 -2.82 -6.29 2.01
N ARG A 22 -3.29 -6.79 3.15
CA ARG A 22 -4.58 -6.38 3.72
C ARG A 22 -4.38 -5.21 4.70
N PHE A 23 -5.38 -4.32 4.76
CA PHE A 23 -5.34 -3.10 5.59
C PHE A 23 -6.78 -2.58 5.84
N ALA A 24 -6.88 -1.54 6.68
CA ALA A 24 -8.11 -0.77 6.91
C ALA A 24 -7.98 0.59 6.20
N ALA A 25 -9.10 1.34 6.08
CA ALA A 25 -9.08 2.73 5.57
C ALA A 25 -8.43 3.66 6.60
N GLY A 26 -7.72 4.70 6.10
CA GLY A 26 -7.04 5.68 6.94
C GLY A 26 -5.60 5.32 7.29
N GLU A 27 -5.20 4.08 6.95
CA GLU A 27 -3.84 3.58 7.24
C GLU A 27 -2.82 4.16 6.24
N LEU A 28 -1.67 4.59 6.77
CA LEU A 28 -0.54 5.07 5.97
C LEU A 28 0.49 3.94 5.82
N ILE A 29 0.68 3.46 4.57
CA ILE A 29 1.73 2.45 4.25
C ILE A 29 2.90 3.18 3.58
N THR A 30 4.10 3.01 4.14
CA THR A 30 5.35 3.59 3.62
C THR A 30 5.83 2.80 2.38
N LEU A 31 6.06 3.53 1.29
CA LEU A 31 6.64 2.97 0.06
C LEU A 31 8.15 2.76 0.23
N LEU A 32 8.65 1.65 -0.31
CA LEU A 32 10.08 1.31 -0.27
C LEU A 32 10.80 2.04 -1.42
N GLN A 33 10.21 1.96 -2.63
CA GLN A 33 10.71 2.65 -3.85
C GLN A 33 9.52 3.05 -4.73
N VAL A 34 9.71 4.07 -5.59
CA VAL A 34 8.71 4.51 -6.60
C VAL A 34 9.25 4.24 -8.04
N PRO A 35 9.02 3.01 -8.61
CA PRO A 35 9.45 2.68 -9.98
C PRO A 35 8.55 3.38 -11.05
N ASP A 36 8.89 4.66 -11.33
CA ASP A 36 8.15 5.56 -12.25
C ASP A 36 6.68 5.74 -11.81
N GLY A 37 5.81 4.82 -12.26
CA GLY A 37 4.37 4.90 -11.98
C GLY A 37 3.64 3.61 -12.29
N GLY A 38 2.30 3.67 -12.30
CA GLY A 38 1.46 2.50 -12.56
C GLY A 38 1.33 1.62 -11.33
N TRP A 39 2.44 0.94 -10.99
CA TRP A 39 2.57 0.16 -9.75
C TRP A 39 3.82 0.66 -8.99
N TRP A 40 3.67 0.82 -7.67
CA TRP A 40 4.78 1.14 -6.77
C TRP A 40 4.83 0.07 -5.69
N GLU A 41 5.97 -0.07 -5.00
CA GLU A 41 6.13 -1.06 -3.93
C GLU A 41 6.25 -0.37 -2.56
N GLY A 42 5.74 -1.06 -1.53
CA GLY A 42 5.79 -0.61 -0.15
C GLY A 42 5.79 -1.78 0.82
N GLU A 43 5.94 -1.47 2.11
CA GLU A 43 5.91 -2.46 3.17
C GLU A 43 5.13 -1.92 4.36
N LYS A 44 4.42 -2.82 5.02
CA LYS A 44 3.56 -2.52 6.16
C LYS A 44 4.26 -2.91 7.49
N GLU A 45 3.83 -2.26 8.58
CA GLU A 45 4.31 -2.48 9.96
C GLU A 45 4.23 -3.96 10.40
N ASP A 46 3.31 -4.72 9.77
CA ASP A 46 3.08 -6.16 10.05
C ASP A 46 4.28 -7.04 9.66
N GLY A 47 5.19 -6.49 8.84
CA GLY A 47 6.28 -7.28 8.25
C GLY A 47 5.90 -7.84 6.89
N LEU A 48 4.67 -7.56 6.47
CA LEU A 48 4.15 -7.95 5.15
C LEU A 48 4.55 -6.89 4.13
N ARG A 49 5.23 -7.31 3.07
CA ARG A 49 5.68 -6.45 1.98
C ARG A 49 4.76 -6.70 0.78
N GLY A 50 4.39 -5.63 0.10
CA GLY A 50 3.47 -5.67 -1.03
C GLY A 50 2.70 -4.38 -1.10
N TRP A 51 2.22 -4.02 -2.29
CA TRP A 51 1.56 -2.74 -2.50
C TRP A 51 0.60 -2.80 -3.69
N PHE A 52 -0.17 -1.72 -3.86
CA PHE A 52 -1.32 -1.64 -4.76
C PHE A 52 -1.33 -0.28 -5.48
N PRO A 53 -1.92 -0.18 -6.72
CA PRO A 53 -1.96 1.10 -7.49
C PRO A 53 -2.74 2.22 -6.77
N ALA A 54 -2.67 3.43 -7.36
CA ALA A 54 -3.32 4.66 -6.84
C ALA A 54 -4.86 4.53 -6.69
N SER A 55 -5.43 3.48 -7.33
CA SER A 55 -6.86 3.16 -7.22
C SER A 55 -7.27 2.82 -5.76
N TYR A 56 -6.35 2.20 -5.02
CA TYR A 56 -6.59 1.79 -3.61
C TYR A 56 -6.15 2.89 -2.63
N VAL A 57 -5.08 3.63 -3.00
CA VAL A 57 -4.37 4.52 -2.06
C VAL A 57 -4.00 5.86 -2.74
N GLN A 58 -4.16 6.97 -2.01
CA GLN A 58 -3.75 8.31 -2.47
C GLN A 58 -2.37 8.67 -1.90
N LEU A 59 -1.47 9.09 -2.81
CA LEU A 59 -0.06 9.35 -2.52
C LEU A 59 0.10 10.74 -1.85
N LEU A 60 0.61 10.73 -0.61
CA LEU A 60 0.79 11.92 0.21
C LEU A 60 2.16 12.58 -0.10
N MET A 1 11.91 5.70 7.07
CA MET A 1 11.53 6.91 7.86
C MET A 1 11.44 8.11 6.91
N SER A 2 10.20 8.60 6.69
CA SER A 2 9.88 9.75 5.81
C SER A 2 10.13 9.44 4.32
N GLY A 3 9.65 10.33 3.44
CA GLY A 3 9.76 10.16 1.98
C GLY A 3 8.41 9.94 1.33
N ALA A 4 8.38 9.11 0.27
CA ALA A 4 7.15 8.77 -0.45
C ALA A 4 6.24 7.88 0.43
N ARG A 5 5.16 8.48 0.93
CA ARG A 5 4.17 7.82 1.79
C ARG A 5 2.77 8.24 1.32
N CYS A 6 1.84 7.28 1.30
CA CYS A 6 0.45 7.49 0.84
C CYS A 6 -0.51 6.94 1.90
N ARG A 7 -1.74 7.47 1.95
CA ARG A 7 -2.76 7.02 2.90
C ARG A 7 -3.82 6.20 2.13
N THR A 8 -4.10 4.99 2.64
CA THR A 8 -5.06 4.06 2.02
C THR A 8 -6.50 4.58 2.14
N LEU A 9 -7.28 4.38 1.06
CA LEU A 9 -8.68 4.82 1.01
C LEU A 9 -9.56 3.91 1.87
N TYR A 10 -9.71 2.64 1.45
CA TYR A 10 -10.52 1.63 2.15
C TYR A 10 -9.84 0.24 2.00
N PRO A 11 -10.12 -0.76 2.92
CA PRO A 11 -9.62 -2.16 2.76
C PRO A 11 -10.36 -2.86 1.60
N PHE A 12 -9.78 -3.97 1.12
CA PHE A 12 -10.34 -4.75 0.00
C PHE A 12 -11.25 -5.87 0.53
N SER A 13 -12.20 -6.32 -0.31
CA SER A 13 -13.20 -7.33 0.06
C SER A 13 -12.55 -8.67 0.48
N GLY A 14 -11.39 -8.99 -0.12
CA GLY A 14 -10.61 -10.18 0.24
C GLY A 14 -10.49 -11.16 -0.90
N GLU A 15 -11.58 -11.30 -1.70
CA GLU A 15 -11.62 -12.22 -2.85
C GLU A 15 -10.64 -11.76 -3.93
N ARG A 16 -9.43 -12.36 -3.92
CA ARG A 16 -8.43 -12.14 -4.96
C ARG A 16 -7.40 -13.29 -4.92
N HIS A 17 -7.33 -14.05 -6.01
CA HIS A 17 -6.35 -15.13 -6.20
C HIS A 17 -4.95 -14.52 -6.49
N GLY A 18 -4.23 -14.23 -5.40
CA GLY A 18 -2.89 -13.63 -5.47
C GLY A 18 -2.44 -13.08 -4.12
N GLN A 19 -1.11 -12.97 -3.94
CA GLN A 19 -0.50 -12.49 -2.69
C GLN A 19 -0.57 -10.95 -2.65
N GLY A 20 -1.05 -10.40 -1.52
CA GLY A 20 -1.18 -8.95 -1.35
C GLY A 20 -0.92 -8.51 0.09
N LEU A 21 -0.87 -7.19 0.32
CA LEU A 21 -0.62 -6.60 1.64
C LEU A 21 -1.94 -6.36 2.37
N ARG A 22 -1.96 -6.70 3.66
CA ARG A 22 -3.10 -6.43 4.55
C ARG A 22 -2.96 -5.04 5.19
N PHE A 23 -4.07 -4.30 5.23
CA PHE A 23 -4.15 -2.95 5.80
C PHE A 23 -5.62 -2.59 6.13
N ALA A 24 -5.79 -1.40 6.74
CA ALA A 24 -7.11 -0.83 7.07
C ALA A 24 -7.26 0.57 6.43
N ALA A 25 -8.50 1.11 6.41
CA ALA A 25 -8.78 2.48 5.91
C ALA A 25 -8.14 3.54 6.83
N GLY A 26 -7.38 4.46 6.24
CA GLY A 26 -6.74 5.55 6.99
C GLY A 26 -5.30 5.28 7.36
N GLU A 27 -4.76 4.12 6.94
CA GLU A 27 -3.37 3.73 7.20
C GLU A 27 -2.42 4.43 6.22
N LEU A 28 -1.53 5.28 6.77
CA LEU A 28 -0.46 5.91 6.01
C LEU A 28 0.64 4.84 5.78
N ILE A 29 0.65 4.25 4.59
CA ILE A 29 1.60 3.21 4.19
C ILE A 29 2.78 3.86 3.47
N THR A 30 4.00 3.66 4.02
CA THR A 30 5.24 4.11 3.41
C THR A 30 5.59 3.23 2.21
N LEU A 31 5.79 3.87 1.05
CA LEU A 31 6.24 3.19 -0.17
C LEU A 31 7.73 2.84 -0.02
N LEU A 32 8.06 1.57 -0.27
CA LEU A 32 9.41 1.02 -0.08
C LEU A 32 10.35 1.54 -1.16
N GLN A 33 9.90 1.36 -2.41
CA GLN A 33 10.55 1.88 -3.62
C GLN A 33 9.44 2.39 -4.55
N VAL A 34 9.72 3.48 -5.28
CA VAL A 34 8.77 4.10 -6.22
C VAL A 34 9.23 3.88 -7.67
N PRO A 35 8.52 3.01 -8.45
CA PRO A 35 8.75 2.83 -9.91
C PRO A 35 8.25 4.06 -10.72
N ASP A 36 8.57 4.08 -12.01
CA ASP A 36 8.12 5.15 -12.93
C ASP A 36 6.68 4.89 -13.42
N GLY A 37 6.11 3.71 -13.07
CA GLY A 37 4.71 3.37 -13.35
C GLY A 37 3.78 3.69 -12.17
N GLY A 38 2.49 3.36 -12.34
CA GLY A 38 1.45 3.62 -11.32
C GLY A 38 1.11 2.38 -10.50
N TRP A 39 2.14 1.57 -10.21
CA TRP A 39 2.05 0.38 -9.35
C TRP A 39 3.11 0.50 -8.26
N TRP A 40 2.70 0.77 -7.03
CA TRP A 40 3.62 1.08 -5.91
C TRP A 40 3.59 -0.05 -4.88
N GLU A 41 4.77 -0.30 -4.28
CA GLU A 41 4.96 -1.35 -3.28
C GLU A 41 5.09 -0.71 -1.89
N GLY A 42 4.22 -1.14 -0.96
CA GLY A 42 4.24 -0.68 0.43
C GLY A 42 4.49 -1.81 1.42
N GLU A 43 4.52 -1.46 2.71
CA GLU A 43 4.82 -2.39 3.81
C GLU A 43 4.00 -2.01 5.05
N LYS A 44 3.84 -2.98 5.97
CA LYS A 44 3.17 -2.78 7.27
C LYS A 44 4.11 -3.11 8.43
N GLU A 45 3.64 -2.77 9.64
CA GLU A 45 4.28 -3.07 10.95
C GLU A 45 4.55 -4.59 11.12
N ASP A 46 3.71 -5.41 10.47
CA ASP A 46 3.77 -6.87 10.50
C ASP A 46 5.08 -7.39 9.89
N GLY A 47 5.57 -6.67 8.88
CA GLY A 47 6.72 -7.09 8.08
C GLY A 47 6.33 -7.51 6.68
N LEU A 48 5.03 -7.89 6.52
CA LEU A 48 4.46 -8.23 5.21
C LEU A 48 4.49 -7.01 4.29
N ARG A 49 4.79 -7.25 3.02
CA ARG A 49 4.84 -6.25 1.96
C ARG A 49 3.77 -6.60 0.91
N GLY A 50 3.58 -5.71 -0.05
CA GLY A 50 2.64 -5.93 -1.15
C GLY A 50 2.58 -4.76 -2.09
N TRP A 51 1.82 -4.91 -3.16
CA TRP A 51 1.70 -3.90 -4.22
C TRP A 51 0.26 -3.84 -4.72
N PHE A 52 -0.24 -2.61 -4.90
CA PHE A 52 -1.61 -2.32 -5.36
C PHE A 52 -1.56 -1.14 -6.36
N PRO A 53 -2.63 -0.94 -7.21
CA PRO A 53 -2.76 0.26 -8.07
C PRO A 53 -2.61 1.60 -7.29
N ALA A 54 -2.01 2.60 -7.94
CA ALA A 54 -1.82 3.96 -7.39
C ALA A 54 -3.17 4.66 -7.14
N SER A 55 -4.19 4.26 -7.93
CA SER A 55 -5.58 4.79 -7.82
C SER A 55 -6.24 4.32 -6.50
N TYR A 56 -5.77 3.16 -5.96
CA TYR A 56 -6.39 2.52 -4.78
C TYR A 56 -5.98 3.25 -3.47
N VAL A 57 -4.90 4.02 -3.53
CA VAL A 57 -4.41 4.85 -2.42
C VAL A 57 -4.46 6.34 -2.82
N GLN A 58 -4.28 7.23 -1.82
CA GLN A 58 -4.25 8.69 -2.02
C GLN A 58 -2.89 9.21 -1.55
N LEU A 59 -2.27 10.10 -2.35
CA LEU A 59 -1.04 10.80 -1.96
C LEU A 59 -1.33 11.75 -0.77
N LEU A 60 -0.34 11.89 0.13
CA LEU A 60 -0.44 12.79 1.28
C LEU A 60 -0.30 14.26 0.83
N MET A 1 15.83 8.20 1.50
CA MET A 1 14.83 8.20 0.42
C MET A 1 13.72 9.19 0.78
N SER A 2 13.11 9.80 -0.25
CA SER A 2 12.00 10.75 -0.09
C SER A 2 10.74 9.98 0.33
N GLY A 3 10.22 10.29 1.54
CA GLY A 3 9.08 9.60 2.12
C GLY A 3 7.77 10.02 1.48
N ALA A 4 7.52 9.50 0.27
CA ALA A 4 6.24 9.69 -0.43
C ALA A 4 5.26 8.64 0.09
N ARG A 5 4.02 9.06 0.34
CA ARG A 5 3.05 8.26 1.08
C ARG A 5 1.81 7.99 0.22
N CYS A 6 0.98 7.10 0.72
CA CYS A 6 -0.37 6.84 0.20
C CYS A 6 -1.30 6.75 1.42
N ARG A 7 -2.56 7.15 1.27
CA ARG A 7 -3.57 7.02 2.33
C ARG A 7 -4.75 6.21 1.79
N THR A 8 -5.12 5.19 2.56
CA THR A 8 -6.16 4.24 2.21
C THR A 8 -7.54 4.84 2.51
N LEU A 9 -8.41 4.84 1.49
CA LEU A 9 -9.72 5.47 1.55
C LEU A 9 -10.66 4.64 2.44
N TYR A 10 -10.76 3.32 2.16
CA TYR A 10 -11.60 2.37 2.92
C TYR A 10 -10.85 1.03 3.09
N PRO A 11 -11.22 0.15 4.09
CA PRO A 11 -10.59 -1.15 4.27
C PRO A 11 -11.15 -2.16 3.25
N PHE A 12 -10.41 -2.39 2.16
CA PHE A 12 -10.78 -3.35 1.12
C PHE A 12 -9.99 -4.66 1.32
N SER A 13 -10.68 -5.79 1.10
CA SER A 13 -10.09 -7.13 1.15
C SER A 13 -10.75 -7.99 0.08
N GLY A 14 -10.10 -8.07 -1.11
CA GLY A 14 -10.52 -8.97 -2.18
C GLY A 14 -10.01 -10.38 -1.97
N GLU A 15 -10.15 -11.24 -2.99
CA GLU A 15 -9.73 -12.64 -2.88
C GLU A 15 -8.86 -13.03 -4.08
N ARG A 16 -7.73 -13.69 -3.76
CA ARG A 16 -6.72 -14.17 -4.73
C ARG A 16 -6.13 -15.49 -4.22
N HIS A 17 -5.86 -16.44 -5.14
CA HIS A 17 -5.13 -17.68 -4.83
C HIS A 17 -3.66 -17.30 -4.54
N GLY A 18 -3.34 -17.24 -3.23
CA GLY A 18 -2.02 -16.83 -2.77
C GLY A 18 -2.14 -16.00 -1.48
N GLN A 19 -1.65 -14.75 -1.52
CA GLN A 19 -1.70 -13.83 -0.37
C GLN A 19 -1.49 -12.38 -0.84
N GLY A 20 -2.46 -11.52 -0.51
CA GLY A 20 -2.34 -10.06 -0.67
C GLY A 20 -1.95 -9.40 0.64
N LEU A 21 -1.47 -8.15 0.59
CA LEU A 21 -1.04 -7.42 1.80
C LEU A 21 -2.23 -6.58 2.34
N ARG A 22 -2.54 -6.78 3.63
CA ARG A 22 -3.75 -6.22 4.29
C ARG A 22 -3.57 -4.72 4.63
N PHE A 23 -4.69 -3.98 4.63
CA PHE A 23 -4.73 -2.56 4.99
C PHE A 23 -6.11 -2.17 5.56
N ALA A 24 -6.11 -1.21 6.48
CA ALA A 24 -7.32 -0.60 7.05
C ALA A 24 -7.43 0.85 6.52
N ALA A 25 -8.59 1.49 6.72
CA ALA A 25 -8.81 2.90 6.29
C ALA A 25 -8.12 3.88 7.26
N GLY A 26 -7.57 4.96 6.69
CA GLY A 26 -7.05 6.09 7.48
C GLY A 26 -5.56 6.02 7.73
N GLU A 27 -4.97 4.82 7.62
CA GLU A 27 -3.53 4.64 7.81
C GLU A 27 -2.77 4.99 6.52
N LEU A 28 -1.46 5.23 6.67
CA LEU A 28 -0.59 5.68 5.59
C LEU A 28 0.33 4.53 5.15
N ILE A 29 0.23 4.14 3.86
CA ILE A 29 1.10 3.14 3.24
C ILE A 29 2.37 3.85 2.73
N THR A 30 3.52 3.50 3.32
CA THR A 30 4.83 4.03 2.93
C THR A 30 5.44 3.14 1.84
N LEU A 31 5.92 3.76 0.75
CA LEU A 31 6.58 3.02 -0.35
C LEU A 31 8.02 2.61 0.05
N LEU A 32 8.44 1.48 -0.51
CA LEU A 32 9.80 0.93 -0.34
C LEU A 32 10.65 1.28 -1.58
N GLN A 33 9.97 1.61 -2.68
CA GLN A 33 10.59 1.83 -3.99
C GLN A 33 9.72 2.79 -4.83
N VAL A 34 10.37 3.55 -5.72
CA VAL A 34 9.71 4.36 -6.75
C VAL A 34 10.18 3.89 -8.16
N PRO A 35 9.50 2.85 -8.76
CA PRO A 35 9.75 2.44 -10.15
C PRO A 35 8.91 3.29 -11.12
N ASP A 36 8.85 2.86 -12.40
CA ASP A 36 7.95 3.47 -13.40
C ASP A 36 6.56 2.82 -13.28
N GLY A 37 5.51 3.65 -13.42
CA GLY A 37 4.12 3.21 -13.24
C GLY A 37 3.65 3.38 -11.80
N GLY A 38 2.33 3.39 -11.59
CA GLY A 38 1.72 3.57 -10.27
C GLY A 38 1.57 2.24 -9.52
N TRP A 39 2.70 1.56 -9.31
CA TRP A 39 2.77 0.32 -8.53
C TRP A 39 3.93 0.46 -7.53
N TRP A 40 3.59 0.80 -6.28
CA TRP A 40 4.58 1.02 -5.21
C TRP A 40 4.45 -0.07 -4.14
N GLU A 41 5.59 -0.46 -3.55
CA GLU A 41 5.64 -1.55 -2.58
C GLU A 41 5.42 -0.99 -1.16
N GLY A 42 4.35 -1.43 -0.51
CA GLY A 42 4.13 -1.14 0.91
C GLY A 42 4.61 -2.28 1.78
N GLU A 43 4.68 -2.06 3.09
CA GLU A 43 5.09 -3.09 4.07
C GLU A 43 4.41 -2.86 5.41
N LYS A 44 4.10 -3.95 6.12
CA LYS A 44 3.44 -3.91 7.43
C LYS A 44 4.42 -4.20 8.59
N GLU A 45 3.85 -4.22 9.81
CA GLU A 45 4.53 -4.55 11.07
C GLU A 45 5.10 -5.98 11.00
N ASP A 46 4.34 -6.84 10.28
CA ASP A 46 4.65 -8.26 10.06
C ASP A 46 6.01 -8.47 9.38
N GLY A 47 6.45 -7.44 8.62
CA GLY A 47 7.66 -7.54 7.80
C GLY A 47 7.34 -7.97 6.37
N LEU A 48 6.10 -8.42 6.15
CA LEU A 48 5.58 -8.82 4.84
C LEU A 48 5.35 -7.57 4.00
N ARG A 49 5.86 -7.61 2.76
CA ARG A 49 5.74 -6.52 1.79
C ARG A 49 4.95 -7.00 0.57
N GLY A 50 4.43 -6.01 -0.18
CA GLY A 50 3.66 -6.28 -1.39
C GLY A 50 3.32 -5.00 -2.13
N TRP A 51 3.08 -5.13 -3.43
CA TRP A 51 2.72 -4.01 -4.31
C TRP A 51 1.30 -3.49 -4.00
N PHE A 52 1.08 -2.20 -4.26
CA PHE A 52 -0.22 -1.54 -4.11
C PHE A 52 -0.50 -0.68 -5.36
N PRO A 53 -1.78 -0.70 -5.89
CA PRO A 53 -2.20 0.20 -6.98
C PRO A 53 -2.33 1.65 -6.46
N ALA A 54 -1.44 2.53 -6.95
CA ALA A 54 -1.35 3.93 -6.51
C ALA A 54 -2.61 4.75 -6.91
N SER A 55 -3.22 4.40 -8.05
CA SER A 55 -4.44 5.08 -8.56
C SER A 55 -5.69 4.69 -7.73
N TYR A 56 -5.59 3.58 -6.99
CA TYR A 56 -6.70 3.04 -6.18
C TYR A 56 -6.90 3.88 -4.90
N VAL A 57 -5.78 4.37 -4.35
CA VAL A 57 -5.77 5.18 -3.10
C VAL A 57 -5.36 6.64 -3.39
N GLN A 58 -5.57 7.55 -2.42
CA GLN A 58 -5.19 8.97 -2.55
C GLN A 58 -3.70 9.12 -2.19
N LEU A 59 -2.91 9.70 -3.10
CA LEU A 59 -1.45 9.84 -2.92
C LEU A 59 -1.13 11.10 -2.08
N LEU A 60 -0.12 10.96 -1.20
CA LEU A 60 0.36 12.06 -0.35
C LEU A 60 1.78 12.47 -0.80
N MET A 1 15.66 8.94 1.00
CA MET A 1 14.23 9.31 0.84
C MET A 1 13.65 9.64 2.23
N SER A 2 12.86 10.73 2.32
CA SER A 2 12.15 11.12 3.56
C SER A 2 11.11 10.04 3.95
N GLY A 3 10.38 9.57 2.94
CA GLY A 3 9.40 8.51 3.09
C GLY A 3 8.21 8.73 2.18
N ALA A 4 8.22 8.10 0.99
CA ALA A 4 7.08 8.10 0.07
C ALA A 4 5.95 7.28 0.70
N ARG A 5 4.97 7.97 1.30
CA ARG A 5 3.86 7.34 2.03
C ARG A 5 2.53 7.69 1.36
N CYS A 6 1.54 6.83 1.58
CA CYS A 6 0.16 7.01 1.11
C CYS A 6 -0.80 6.57 2.21
N ARG A 7 -2.03 7.08 2.19
CA ARG A 7 -3.09 6.70 3.12
C ARG A 7 -4.13 5.84 2.39
N THR A 8 -4.77 4.92 3.11
CA THR A 8 -5.80 4.03 2.53
C THR A 8 -7.19 4.66 2.70
N LEU A 9 -7.94 4.69 1.58
CA LEU A 9 -9.30 5.26 1.51
C LEU A 9 -10.27 4.48 2.41
N TYR A 10 -10.49 3.20 2.07
CA TYR A 10 -11.43 2.31 2.79
C TYR A 10 -10.69 1.00 3.14
N PRO A 11 -11.18 0.21 4.16
CA PRO A 11 -10.58 -1.09 4.51
C PRO A 11 -10.92 -2.15 3.46
N PHE A 12 -9.99 -2.38 2.52
CA PHE A 12 -10.18 -3.35 1.43
C PHE A 12 -9.65 -4.72 1.89
N SER A 13 -10.57 -5.59 2.31
CA SER A 13 -10.27 -6.94 2.81
C SER A 13 -10.43 -7.96 1.68
N GLY A 14 -9.43 -7.96 0.79
CA GLY A 14 -9.36 -8.90 -0.32
C GLY A 14 -7.96 -9.48 -0.44
N GLU A 15 -7.87 -10.71 -1.01
CA GLU A 15 -6.62 -11.47 -1.15
C GLU A 15 -5.98 -11.67 0.25
N ARG A 16 -6.60 -12.57 1.02
CA ARG A 16 -6.14 -12.97 2.38
C ARG A 16 -5.10 -14.10 2.28
N HIS A 17 -4.33 -14.07 1.19
CA HIS A 17 -3.41 -15.13 0.77
C HIS A 17 -2.51 -14.60 -0.35
N GLY A 18 -1.36 -15.27 -0.57
CA GLY A 18 -0.45 -14.94 -1.66
C GLY A 18 0.23 -13.58 -1.50
N GLN A 19 0.06 -12.71 -2.52
CA GLN A 19 0.74 -11.38 -2.59
C GLN A 19 -0.13 -10.25 -2.02
N GLY A 20 -1.30 -10.62 -1.45
CA GLY A 20 -2.25 -9.63 -0.92
C GLY A 20 -1.81 -9.05 0.42
N LEU A 21 -1.76 -7.71 0.50
CA LEU A 21 -1.50 -6.98 1.75
C LEU A 21 -2.81 -6.36 2.26
N ARG A 22 -3.24 -6.80 3.45
CA ARG A 22 -4.47 -6.33 4.11
C ARG A 22 -4.18 -5.07 4.95
N PHE A 23 -5.19 -4.21 5.07
CA PHE A 23 -5.08 -2.92 5.79
C PHE A 23 -6.48 -2.41 6.22
N ALA A 24 -6.50 -1.62 7.30
CA ALA A 24 -7.69 -0.89 7.78
C ALA A 24 -7.76 0.52 7.15
N ALA A 25 -8.90 1.21 7.32
CA ALA A 25 -9.09 2.61 6.86
C ALA A 25 -8.10 3.55 7.55
N GLY A 26 -7.34 4.31 6.73
CA GLY A 26 -6.42 5.35 7.23
C GLY A 26 -4.98 4.87 7.38
N GLU A 27 -4.74 3.56 7.12
CA GLU A 27 -3.39 2.94 7.17
C GLU A 27 -2.39 3.71 6.29
N LEU A 28 -1.32 4.21 6.94
CA LEU A 28 -0.22 4.88 6.25
C LEU A 28 0.74 3.81 5.71
N ILE A 29 0.60 3.52 4.41
CA ILE A 29 1.38 2.52 3.68
C ILE A 29 2.65 3.20 3.15
N THR A 30 3.79 2.82 3.73
CA THR A 30 5.09 3.40 3.39
C THR A 30 5.69 2.63 2.20
N LEU A 31 5.70 3.28 1.02
CA LEU A 31 6.33 2.75 -0.19
C LEU A 31 7.85 2.64 0.00
N LEU A 32 8.42 1.49 -0.40
CA LEU A 32 9.84 1.20 -0.24
C LEU A 32 10.66 2.00 -1.26
N GLN A 33 10.21 1.95 -2.52
CA GLN A 33 10.76 2.72 -3.64
C GLN A 33 9.60 3.20 -4.52
N VAL A 34 9.84 4.23 -5.33
CA VAL A 34 8.91 4.70 -6.36
C VAL A 34 9.59 4.60 -7.74
N PRO A 35 9.54 3.39 -8.41
CA PRO A 35 10.08 3.21 -9.78
C PRO A 35 9.18 3.90 -10.83
N ASP A 36 9.69 3.99 -12.07
CA ASP A 36 9.02 4.69 -13.17
C ASP A 36 7.77 3.89 -13.62
N GLY A 37 6.60 4.30 -13.10
CA GLY A 37 5.32 3.67 -13.45
C GLY A 37 4.29 3.83 -12.34
N GLY A 38 3.05 3.40 -12.62
CA GLY A 38 1.94 3.52 -11.67
C GLY A 38 1.76 2.28 -10.79
N TRP A 39 2.87 1.57 -10.54
CA TRP A 39 2.92 0.39 -9.67
C TRP A 39 4.03 0.60 -8.63
N TRP A 40 3.66 0.67 -7.35
CA TRP A 40 4.62 0.85 -6.24
C TRP A 40 4.38 -0.23 -5.19
N GLU A 41 5.47 -0.77 -4.62
CA GLU A 41 5.39 -1.75 -3.54
C GLU A 41 5.45 -1.00 -2.20
N GLY A 42 4.39 -1.15 -1.41
CA GLY A 42 4.28 -0.53 -0.10
C GLY A 42 4.35 -1.57 1.00
N GLU A 43 5.11 -1.26 2.05
CA GLU A 43 5.25 -2.13 3.21
C GLU A 43 4.43 -1.58 4.37
N LYS A 44 3.82 -2.51 5.10
CA LYS A 44 3.03 -2.23 6.31
C LYS A 44 3.92 -2.38 7.57
N GLU A 45 3.48 -1.78 8.69
CA GLU A 45 4.15 -1.88 10.02
C GLU A 45 4.30 -3.35 10.47
N ASP A 46 3.41 -4.21 9.95
CA ASP A 46 3.40 -5.67 10.16
C ASP A 46 4.72 -6.33 9.66
N GLY A 47 5.27 -5.81 8.55
CA GLY A 47 6.47 -6.35 7.92
C GLY A 47 6.19 -6.99 6.57
N LEU A 48 4.92 -7.35 6.32
CA LEU A 48 4.49 -7.85 5.00
C LEU A 48 4.37 -6.66 4.04
N ARG A 49 4.91 -6.83 2.84
CA ARG A 49 4.91 -5.81 1.77
C ARG A 49 4.16 -6.36 0.55
N GLY A 50 3.35 -5.51 -0.11
CA GLY A 50 2.61 -5.90 -1.31
C GLY A 50 2.74 -4.86 -2.41
N TRP A 51 2.66 -5.34 -3.66
CA TRP A 51 2.62 -4.50 -4.86
C TRP A 51 1.19 -4.03 -5.08
N PHE A 52 0.99 -2.71 -5.29
CA PHE A 52 -0.33 -2.14 -5.59
C PHE A 52 -0.22 -1.04 -6.67
N PRO A 53 -1.33 -0.82 -7.47
CA PRO A 53 -1.46 0.35 -8.37
C PRO A 53 -1.55 1.68 -7.58
N ALA A 54 -1.23 2.80 -8.27
CA ALA A 54 -1.20 4.15 -7.67
C ALA A 54 -2.61 4.63 -7.26
N SER A 55 -3.62 4.27 -8.08
CA SER A 55 -5.03 4.70 -7.90
C SER A 55 -5.75 3.86 -6.81
N TYR A 56 -5.14 2.72 -6.43
CA TYR A 56 -5.70 1.82 -5.40
C TYR A 56 -5.56 2.46 -3.99
N VAL A 57 -4.52 3.29 -3.84
CA VAL A 57 -4.24 4.04 -2.60
C VAL A 57 -4.47 5.56 -2.83
N GLN A 58 -4.39 6.34 -1.75
CA GLN A 58 -4.57 7.80 -1.77
C GLN A 58 -3.24 8.49 -1.41
N LEU A 59 -2.78 9.40 -2.26
CA LEU A 59 -1.58 10.20 -2.01
C LEU A 59 -1.84 11.21 -0.88
N LEU A 60 -0.83 11.42 0.00
CA LEU A 60 -0.94 12.34 1.15
C LEU A 60 -1.04 13.82 0.67
N MET A 1 13.35 7.41 5.64
CA MET A 1 12.24 7.31 6.62
C MET A 1 11.03 8.15 6.16
N SER A 2 11.32 9.29 5.50
CA SER A 2 10.29 10.27 5.09
C SER A 2 10.10 10.26 3.55
N GLY A 3 9.15 11.09 3.07
CA GLY A 3 8.92 11.29 1.63
C GLY A 3 7.89 10.32 1.07
N ALA A 4 8.26 9.03 1.07
CA ALA A 4 7.45 7.95 0.49
C ALA A 4 6.29 7.56 1.43
N ARG A 5 5.19 8.32 1.33
CA ARG A 5 3.95 8.09 2.12
C ARG A 5 2.74 8.04 1.17
N CYS A 6 1.87 7.05 1.38
CA CYS A 6 0.51 7.01 0.80
C CYS A 6 -0.45 6.47 1.85
N ARG A 7 -1.69 6.96 1.85
CA ARG A 7 -2.73 6.52 2.77
C ARG A 7 -3.73 5.62 2.02
N THR A 8 -4.11 4.53 2.69
CA THR A 8 -5.10 3.59 2.20
C THR A 8 -6.50 4.23 2.20
N LEU A 9 -7.11 4.32 1.01
CA LEU A 9 -8.44 4.91 0.81
C LEU A 9 -9.52 4.06 1.48
N TYR A 10 -9.60 2.78 1.08
CA TYR A 10 -10.60 1.81 1.59
C TYR A 10 -9.86 0.48 1.91
N PRO A 11 -10.39 -0.38 2.84
CA PRO A 11 -9.73 -1.66 3.18
C PRO A 11 -9.88 -2.71 2.06
N PHE A 12 -8.94 -2.69 1.10
CA PHE A 12 -8.91 -3.66 0.00
C PHE A 12 -8.04 -4.86 0.40
N SER A 13 -8.70 -5.94 0.82
CA SER A 13 -8.04 -7.18 1.22
C SER A 13 -9.08 -8.32 1.16
N GLY A 14 -9.24 -8.89 -0.04
CA GLY A 14 -10.12 -10.05 -0.25
C GLY A 14 -9.41 -11.36 0.06
N GLU A 15 -8.11 -11.26 0.40
CA GLU A 15 -7.25 -12.39 0.72
C GLU A 15 -6.57 -12.14 2.08
N ARG A 16 -7.05 -12.86 3.10
CA ARG A 16 -6.46 -12.89 4.44
C ARG A 16 -5.10 -13.62 4.41
N HIS A 17 -4.04 -12.85 4.04
CA HIS A 17 -2.64 -13.34 3.88
C HIS A 17 -2.49 -14.40 2.76
N GLY A 18 -3.53 -14.52 1.89
CA GLY A 18 -3.54 -15.48 0.78
C GLY A 18 -3.01 -14.86 -0.51
N GLN A 19 -1.70 -14.54 -0.50
CA GLN A 19 -1.00 -13.84 -1.61
C GLN A 19 -1.61 -12.44 -1.85
N GLY A 20 -1.22 -11.48 -0.99
CA GLY A 20 -1.71 -10.10 -1.06
C GLY A 20 -1.41 -9.33 0.20
N LEU A 21 -1.88 -8.08 0.26
CA LEU A 21 -1.63 -7.17 1.39
C LEU A 21 -2.91 -6.99 2.23
N ARG A 22 -2.80 -7.31 3.53
CA ARG A 22 -3.89 -7.17 4.50
C ARG A 22 -3.72 -5.80 5.19
N PHE A 23 -4.72 -4.92 5.04
CA PHE A 23 -4.71 -3.57 5.65
C PHE A 23 -6.14 -3.04 5.86
N ALA A 24 -6.23 -1.89 6.54
CA ALA A 24 -7.47 -1.16 6.78
C ALA A 24 -7.29 0.31 6.33
N ALA A 25 -8.41 0.99 6.04
CA ALA A 25 -8.42 2.40 5.59
C ALA A 25 -7.88 3.36 6.67
N GLY A 26 -6.99 4.29 6.27
CA GLY A 26 -6.46 5.31 7.18
C GLY A 26 -4.98 5.12 7.50
N GLU A 27 -4.45 3.92 7.19
CA GLU A 27 -3.04 3.56 7.45
C GLU A 27 -2.10 4.12 6.37
N LEU A 28 -0.91 4.56 6.82
CA LEU A 28 0.12 5.14 5.95
C LEU A 28 1.13 4.05 5.53
N ILE A 29 1.02 3.59 4.28
CA ILE A 29 1.91 2.59 3.71
C ILE A 29 3.16 3.31 3.16
N THR A 30 4.32 2.99 3.76
CA THR A 30 5.61 3.58 3.39
C THR A 30 6.12 2.93 2.09
N LEU A 31 6.14 3.73 1.01
CA LEU A 31 6.41 3.23 -0.35
C LEU A 31 7.89 2.81 -0.52
N LEU A 32 8.10 1.69 -1.23
CA LEU A 32 9.44 1.22 -1.59
C LEU A 32 9.73 1.57 -3.06
N GLN A 33 8.67 1.62 -3.88
CA GLN A 33 8.74 2.11 -5.28
C GLN A 33 8.30 3.58 -5.37
N VAL A 34 8.88 4.31 -6.35
CA VAL A 34 8.52 5.70 -6.71
C VAL A 34 8.60 5.90 -8.27
N PRO A 35 7.89 5.06 -9.11
CA PRO A 35 8.00 5.13 -10.59
C PRO A 35 7.12 6.25 -11.19
N ASP A 36 7.00 6.24 -12.53
CA ASP A 36 6.16 7.20 -13.29
C ASP A 36 4.68 6.82 -13.13
N GLY A 37 4.12 7.19 -11.96
CA GLY A 37 2.76 6.82 -11.57
C GLY A 37 2.56 5.30 -11.52
N GLY A 38 1.51 4.82 -12.22
CA GLY A 38 1.23 3.38 -12.35
C GLY A 38 0.81 2.74 -11.03
N TRP A 39 1.80 2.31 -10.24
CA TRP A 39 1.58 1.57 -8.98
C TRP A 39 2.72 1.85 -7.99
N TRP A 40 2.50 1.48 -6.72
CA TRP A 40 3.52 1.55 -5.66
C TRP A 40 3.40 0.31 -4.76
N GLU A 41 4.54 -0.32 -4.46
CA GLU A 41 4.63 -1.29 -3.35
C GLU A 41 5.04 -0.53 -2.08
N GLY A 42 4.79 -1.15 -0.92
CA GLY A 42 5.16 -0.59 0.37
C GLY A 42 5.04 -1.59 1.49
N GLU A 43 5.40 -1.16 2.71
CA GLU A 43 5.38 -2.00 3.91
C GLU A 43 4.19 -1.62 4.80
N LYS A 44 3.57 -2.67 5.38
CA LYS A 44 2.45 -2.57 6.34
C LYS A 44 3.05 -2.64 7.77
N GLU A 45 2.32 -2.11 8.77
CA GLU A 45 2.78 -2.05 10.18
C GLU A 45 3.18 -3.42 10.77
N ASP A 46 2.49 -4.50 10.35
CA ASP A 46 2.79 -5.88 10.83
C ASP A 46 4.14 -6.42 10.29
N GLY A 47 4.69 -5.73 9.28
CA GLY A 47 5.90 -6.17 8.60
C GLY A 47 5.59 -6.85 7.27
N LEU A 48 4.29 -7.12 7.03
CA LEU A 48 3.79 -7.70 5.78
C LEU A 48 4.01 -6.71 4.62
N ARG A 49 4.65 -7.20 3.55
CA ARG A 49 5.00 -6.38 2.37
C ARG A 49 4.04 -6.70 1.23
N GLY A 50 3.49 -5.67 0.59
CA GLY A 50 2.52 -5.83 -0.50
C GLY A 50 2.60 -4.70 -1.50
N TRP A 51 1.84 -4.83 -2.58
CA TRP A 51 1.87 -3.92 -3.74
C TRP A 51 0.46 -3.71 -4.27
N PHE A 52 0.14 -2.46 -4.70
CA PHE A 52 -1.13 -2.10 -5.33
C PHE A 52 -0.96 -0.83 -6.20
N PRO A 53 -1.77 -0.68 -7.31
CA PRO A 53 -1.90 0.60 -8.07
C PRO A 53 -2.26 1.83 -7.18
N ALA A 54 -2.10 3.02 -7.79
CA ALA A 54 -2.37 4.33 -7.15
C ALA A 54 -3.86 4.50 -6.74
N SER A 55 -4.73 3.64 -7.28
CA SER A 55 -6.18 3.63 -7.00
C SER A 55 -6.48 3.16 -5.55
N TYR A 56 -5.54 2.44 -4.94
CA TYR A 56 -5.70 1.83 -3.60
C TYR A 56 -5.02 2.73 -2.55
N VAL A 57 -3.77 3.13 -2.86
CA VAL A 57 -2.95 3.99 -1.98
C VAL A 57 -2.75 5.37 -2.64
N GLN A 58 -3.01 6.45 -1.87
CA GLN A 58 -3.04 7.84 -2.39
C GLN A 58 -2.05 8.72 -1.62
N LEU A 59 -1.16 9.43 -2.34
CA LEU A 59 -0.18 10.38 -1.78
C LEU A 59 -0.86 11.45 -0.87
N LEU A 60 -0.28 11.68 0.31
CA LEU A 60 -0.78 12.69 1.27
C LEU A 60 -0.51 14.14 0.73
N MET A 1 12.83 8.44 9.27
CA MET A 1 13.22 8.21 7.86
C MET A 1 12.07 8.67 6.94
N SER A 2 12.35 9.68 6.10
CA SER A 2 11.37 10.28 5.16
C SER A 2 10.88 9.22 4.13
N GLY A 3 9.64 8.73 4.33
CA GLY A 3 9.04 7.71 3.46
C GLY A 3 7.97 8.29 2.55
N ALA A 4 7.85 7.72 1.34
CA ALA A 4 6.76 8.01 0.41
C ALA A 4 5.46 7.37 0.94
N ARG A 5 4.77 8.13 1.79
CA ARG A 5 3.54 7.67 2.47
C ARG A 5 2.34 7.78 1.53
N CYS A 6 1.46 6.79 1.62
CA CYS A 6 0.17 6.80 0.92
C CYS A 6 -0.92 6.40 1.90
N ARG A 7 -2.08 7.06 1.78
CA ARG A 7 -3.21 6.86 2.69
C ARG A 7 -4.29 6.07 1.97
N THR A 8 -4.74 4.98 2.60
CA THR A 8 -5.73 4.07 2.04
C THR A 8 -7.12 4.74 1.98
N LEU A 9 -7.74 4.64 0.80
CA LEU A 9 -9.04 5.24 0.49
C LEU A 9 -10.18 4.30 0.91
N TYR A 10 -9.96 2.98 0.79
CA TYR A 10 -11.00 1.95 1.06
C TYR A 10 -10.41 0.78 1.88
N PRO A 11 -11.20 0.15 2.81
CA PRO A 11 -10.82 -1.14 3.43
C PRO A 11 -10.97 -2.30 2.41
N PHE A 12 -9.90 -3.09 2.23
CA PHE A 12 -9.87 -4.16 1.23
C PHE A 12 -8.94 -5.29 1.71
N SER A 13 -9.46 -6.54 1.57
CA SER A 13 -8.75 -7.80 1.92
C SER A 13 -8.49 -7.92 3.43
N GLY A 14 -9.08 -8.95 4.06
CA GLY A 14 -8.83 -9.28 5.46
C GLY A 14 -8.88 -10.78 5.69
N GLU A 15 -8.50 -11.53 4.63
CA GLU A 15 -8.66 -13.00 4.57
C GLU A 15 -7.34 -13.70 4.97
N ARG A 16 -7.44 -14.98 5.33
CA ARG A 16 -6.30 -15.83 5.71
C ARG A 16 -5.82 -16.62 4.48
N HIS A 17 -5.38 -15.87 3.46
CA HIS A 17 -4.74 -16.44 2.26
C HIS A 17 -3.26 -16.79 2.55
N GLY A 18 -2.68 -16.12 3.57
CA GLY A 18 -1.29 -16.35 3.98
C GLY A 18 -0.47 -15.07 3.93
N GLN A 19 0.59 -15.06 3.10
CA GLN A 19 1.44 -13.88 2.90
C GLN A 19 0.74 -12.85 2.00
N GLY A 20 0.79 -11.58 2.42
CA GLY A 20 0.20 -10.46 1.70
C GLY A 20 0.00 -9.27 2.62
N LEU A 21 -0.25 -8.10 2.04
CA LEU A 21 -0.54 -6.87 2.81
C LEU A 21 -2.04 -6.55 2.72
N ARG A 22 -2.68 -6.49 3.89
CA ARG A 22 -4.10 -6.15 4.08
C ARG A 22 -4.19 -4.71 4.61
N PHE A 23 -5.31 -4.03 4.38
CA PHE A 23 -5.45 -2.61 4.78
C PHE A 23 -6.92 -2.19 4.98
N ALA A 24 -7.08 -1.09 5.74
CA ALA A 24 -8.35 -0.44 6.03
C ALA A 24 -8.17 1.08 5.87
N ALA A 25 -9.22 1.76 5.35
CA ALA A 25 -9.18 3.21 5.03
C ALA A 25 -8.77 4.06 6.24
N GLY A 26 -7.64 4.76 6.12
CA GLY A 26 -7.05 5.57 7.20
C GLY A 26 -5.72 5.03 7.71
N GLU A 27 -5.17 3.99 7.03
CA GLU A 27 -3.80 3.48 7.29
C GLU A 27 -2.79 4.11 6.31
N LEU A 28 -1.56 4.33 6.82
CA LEU A 28 -0.46 4.94 6.05
C LEU A 28 0.61 3.87 5.75
N ILE A 29 0.65 3.41 4.48
CA ILE A 29 1.65 2.42 4.01
C ILE A 29 2.88 3.18 3.46
N THR A 30 4.08 2.74 3.90
CA THR A 30 5.36 3.32 3.45
C THR A 30 5.79 2.62 2.15
N LEU A 31 5.73 3.35 1.02
CA LEU A 31 6.23 2.86 -0.28
C LEU A 31 7.75 2.70 -0.20
N LEU A 32 8.22 1.45 -0.34
CA LEU A 32 9.65 1.11 -0.24
C LEU A 32 10.40 1.49 -1.52
N GLN A 33 9.69 1.42 -2.66
CA GLN A 33 10.28 1.72 -3.97
C GLN A 33 9.30 2.57 -4.79
N VAL A 34 9.84 3.61 -5.47
CA VAL A 34 9.10 4.52 -6.34
C VAL A 34 9.87 4.72 -7.68
N PRO A 35 9.95 3.64 -8.55
CA PRO A 35 10.82 3.65 -9.75
C PRO A 35 10.18 4.39 -10.96
N ASP A 36 8.85 4.50 -10.91
CA ASP A 36 8.01 5.00 -11.99
C ASP A 36 6.65 5.39 -11.40
N GLY A 37 6.02 6.45 -11.94
CA GLY A 37 4.77 6.97 -11.43
C GLY A 37 3.53 6.19 -11.92
N GLY A 38 3.49 4.88 -11.61
CA GLY A 38 2.36 4.00 -11.95
C GLY A 38 1.78 3.37 -10.70
N TRP A 39 2.31 2.19 -10.33
CA TRP A 39 1.93 1.49 -9.09
C TRP A 39 3.22 1.05 -8.38
N TRP A 40 3.18 1.00 -7.04
CA TRP A 40 4.40 0.88 -6.20
C TRP A 40 4.22 -0.21 -5.15
N GLU A 41 5.35 -0.69 -4.64
CA GLU A 41 5.42 -1.62 -3.51
C GLU A 41 5.59 -0.82 -2.21
N GLY A 42 5.09 -1.40 -1.12
CA GLY A 42 5.16 -0.84 0.22
C GLY A 42 5.16 -1.92 1.27
N GLU A 43 5.20 -1.51 2.54
CA GLU A 43 5.23 -2.44 3.68
C GLU A 43 4.38 -1.96 4.85
N LYS A 44 4.18 -2.90 5.79
CA LYS A 44 3.66 -2.66 7.13
C LYS A 44 4.79 -3.02 8.13
N GLU A 45 4.72 -2.44 9.35
CA GLU A 45 5.68 -2.66 10.47
C GLU A 45 6.00 -4.15 10.73
N ASP A 46 5.01 -5.03 10.45
CA ASP A 46 5.11 -6.50 10.67
C ASP A 46 5.99 -7.21 9.61
N GLY A 47 6.58 -6.44 8.67
CA GLY A 47 7.38 -6.99 7.57
C GLY A 47 6.54 -7.38 6.35
N LEU A 48 5.21 -7.20 6.46
CA LEU A 48 4.26 -7.57 5.39
C LEU A 48 4.47 -6.70 4.15
N ARG A 49 4.78 -7.33 3.01
CA ARG A 49 5.05 -6.65 1.74
C ARG A 49 3.86 -6.80 0.81
N GLY A 50 3.54 -5.74 0.07
CA GLY A 50 2.50 -5.76 -0.96
C GLY A 50 2.62 -4.59 -1.91
N TRP A 51 2.16 -4.78 -3.15
CA TRP A 51 2.22 -3.76 -4.22
C TRP A 51 0.79 -3.44 -4.66
N PHE A 52 0.45 -2.15 -4.69
CA PHE A 52 -0.94 -1.68 -4.93
C PHE A 52 -0.94 -0.54 -5.97
N PRO A 53 -1.93 -0.56 -6.92
CA PRO A 53 -2.26 0.61 -7.77
C PRO A 53 -2.63 1.86 -6.93
N ALA A 54 -2.38 3.05 -7.52
CA ALA A 54 -2.63 4.36 -6.90
C ALA A 54 -4.14 4.61 -6.64
N SER A 55 -5.01 3.82 -7.28
CA SER A 55 -6.46 3.90 -7.10
C SER A 55 -6.89 3.48 -5.68
N TYR A 56 -6.09 2.63 -5.02
CA TYR A 56 -6.36 2.16 -3.64
C TYR A 56 -5.87 3.18 -2.60
N VAL A 57 -4.79 3.92 -2.95
CA VAL A 57 -4.05 4.76 -1.99
C VAL A 57 -3.75 6.16 -2.57
N GLN A 58 -4.18 7.22 -1.85
CA GLN A 58 -3.92 8.61 -2.23
C GLN A 58 -2.49 9.03 -1.82
N LEU A 59 -1.76 9.63 -2.77
CA LEU A 59 -0.35 10.01 -2.62
C LEU A 59 -0.20 11.24 -1.72
N LEU A 60 0.33 11.03 -0.50
CA LEU A 60 0.56 12.10 0.47
C LEU A 60 1.80 12.93 0.07
N MET A 1 12.42 15.46 5.10
CA MET A 1 12.15 14.88 6.45
C MET A 1 11.40 13.54 6.32
N SER A 2 10.24 13.56 5.68
CA SER A 2 9.36 12.39 5.55
C SER A 2 9.41 11.86 4.10
N GLY A 3 9.76 10.56 3.96
CA GLY A 3 9.79 9.89 2.66
C GLY A 3 8.39 9.67 2.08
N ALA A 4 8.30 9.15 0.83
CA ALA A 4 7.02 8.92 0.14
C ALA A 4 6.18 7.88 0.90
N ARG A 5 5.15 8.37 1.58
CA ARG A 5 4.23 7.54 2.39
C ARG A 5 2.87 7.48 1.67
N CYS A 6 1.96 6.65 2.17
CA CYS A 6 0.67 6.36 1.54
C CYS A 6 -0.39 6.05 2.60
N ARG A 7 -1.66 6.31 2.25
CA ARG A 7 -2.82 5.98 3.08
C ARG A 7 -3.86 5.27 2.23
N THR A 8 -4.39 4.17 2.76
CA THR A 8 -5.50 3.44 2.11
C THR A 8 -6.82 4.19 2.41
N LEU A 9 -7.52 4.59 1.34
CA LEU A 9 -8.75 5.40 1.44
C LEU A 9 -9.90 4.59 2.07
N TYR A 10 -10.08 3.36 1.56
CA TYR A 10 -11.13 2.41 2.00
C TYR A 10 -10.57 0.97 1.94
N PRO A 11 -11.11 -0.01 2.74
CA PRO A 11 -10.56 -1.38 2.82
C PRO A 11 -11.05 -2.28 1.68
N PHE A 12 -10.41 -3.45 1.53
CA PHE A 12 -10.87 -4.48 0.58
C PHE A 12 -11.19 -5.77 1.36
N SER A 13 -12.47 -6.00 1.62
CA SER A 13 -12.94 -7.16 2.38
C SER A 13 -13.42 -8.26 1.41
N GLY A 14 -12.46 -9.06 0.93
CA GLY A 14 -12.75 -10.14 0.00
C GLY A 14 -11.49 -10.80 -0.55
N GLU A 15 -11.68 -11.57 -1.63
CA GLU A 15 -10.63 -12.36 -2.28
C GLU A 15 -9.82 -11.48 -3.24
N ARG A 16 -8.50 -11.34 -2.96
CA ARG A 16 -7.56 -10.54 -3.77
C ARG A 16 -6.64 -11.48 -4.59
N HIS A 17 -7.21 -12.66 -4.93
CA HIS A 17 -6.56 -13.73 -5.72
C HIS A 17 -5.41 -14.39 -4.95
N GLY A 18 -4.26 -13.68 -4.87
CA GLY A 18 -3.07 -14.19 -4.17
C GLY A 18 -2.19 -13.06 -3.67
N GLN A 19 -1.28 -12.58 -4.54
CA GLN A 19 -0.32 -11.51 -4.20
C GLN A 19 -1.06 -10.20 -3.85
N GLY A 20 -0.89 -9.75 -2.61
CA GLY A 20 -1.51 -8.52 -2.15
C GLY A 20 -1.29 -8.28 -0.67
N LEU A 21 -2.10 -7.37 -0.13
CA LEU A 21 -2.05 -6.97 1.28
C LEU A 21 -3.49 -6.86 1.81
N ARG A 22 -3.69 -7.27 3.06
CA ARG A 22 -4.94 -7.04 3.80
C ARG A 22 -4.80 -5.73 4.58
N PHE A 23 -5.82 -4.86 4.47
CA PHE A 23 -5.76 -3.50 5.00
C PHE A 23 -7.16 -2.96 5.37
N ALA A 24 -7.20 -2.18 6.47
CA ALA A 24 -8.36 -1.35 6.87
C ALA A 24 -8.28 0.04 6.19
N ALA A 25 -9.35 0.85 6.30
CA ALA A 25 -9.32 2.26 5.83
C ALA A 25 -8.43 3.12 6.74
N GLY A 26 -7.29 3.60 6.21
CA GLY A 26 -6.41 4.53 6.92
C GLY A 26 -5.05 3.93 7.28
N GLU A 27 -4.69 2.81 6.63
CA GLU A 27 -3.41 2.14 6.86
C GLU A 27 -2.24 2.98 6.33
N LEU A 28 -1.28 3.25 7.22
CA LEU A 28 -0.08 4.04 6.90
C LEU A 28 0.98 3.10 6.30
N ILE A 29 1.11 3.16 4.96
CA ILE A 29 2.08 2.36 4.20
C ILE A 29 3.22 3.29 3.75
N THR A 30 4.47 2.82 3.78
CA THR A 30 5.62 3.63 3.33
C THR A 30 6.23 3.01 2.07
N LEU A 31 6.22 3.76 0.95
CA LEU A 31 6.82 3.32 -0.33
C LEU A 31 8.32 3.03 -0.16
N LEU A 32 8.70 1.78 -0.47
CA LEU A 32 10.08 1.33 -0.40
C LEU A 32 10.86 1.89 -1.59
N GLN A 33 10.25 1.79 -2.77
CA GLN A 33 10.80 2.30 -4.02
C GLN A 33 9.67 2.58 -5.02
N VAL A 34 10.00 3.32 -6.09
CA VAL A 34 9.09 3.65 -7.19
C VAL A 34 9.68 3.10 -8.52
N PRO A 35 9.50 1.77 -8.82
CA PRO A 35 10.15 1.11 -9.97
C PRO A 35 9.40 1.31 -11.32
N ASP A 36 8.09 1.62 -11.25
CA ASP A 36 7.19 1.60 -12.41
C ASP A 36 6.00 2.54 -12.20
N GLY A 37 5.55 3.21 -13.28
CA GLY A 37 4.42 4.13 -13.24
C GLY A 37 3.09 3.43 -13.47
N GLY A 38 2.76 2.49 -12.59
CA GLY A 38 1.51 1.71 -12.66
C GLY A 38 1.34 0.89 -11.40
N TRP A 39 2.38 0.11 -11.09
CA TRP A 39 2.49 -0.63 -9.82
C TRP A 39 3.75 -0.14 -9.09
N TRP A 40 3.57 0.26 -7.83
CA TRP A 40 4.66 0.60 -6.91
C TRP A 40 4.57 -0.39 -5.74
N GLU A 41 5.58 -0.40 -4.84
CA GLU A 41 5.54 -1.28 -3.64
C GLU A 41 5.93 -0.50 -2.38
N GLY A 42 5.11 -0.68 -1.35
CA GLY A 42 5.35 -0.16 -0.01
C GLY A 42 5.26 -1.25 1.03
N GLU A 43 5.70 -0.95 2.26
CA GLU A 43 5.71 -1.91 3.37
C GLU A 43 4.96 -1.34 4.57
N LYS A 44 4.38 -2.23 5.37
CA LYS A 44 3.67 -1.90 6.61
C LYS A 44 4.65 -1.92 7.81
N GLU A 45 4.22 -1.30 8.93
CA GLU A 45 4.92 -1.39 10.23
C GLU A 45 4.94 -2.83 10.77
N ASP A 46 3.95 -3.62 10.32
CA ASP A 46 3.83 -5.06 10.62
C ASP A 46 5.05 -5.86 10.10
N GLY A 47 5.73 -5.28 9.09
CA GLY A 47 6.91 -5.87 8.48
C GLY A 47 6.61 -6.49 7.12
N LEU A 48 5.33 -6.81 6.88
CA LEU A 48 4.86 -7.37 5.60
C LEU A 48 4.70 -6.26 4.56
N ARG A 49 5.22 -6.49 3.35
CA ARG A 49 5.10 -5.55 2.25
C ARG A 49 4.07 -6.07 1.22
N GLY A 50 3.39 -5.11 0.61
CA GLY A 50 2.45 -5.36 -0.46
C GLY A 50 1.75 -4.07 -0.81
N TRP A 51 1.35 -3.93 -2.07
CA TRP A 51 0.79 -2.67 -2.56
C TRP A 51 -0.12 -2.90 -3.78
N PHE A 52 -0.79 -1.83 -4.18
CA PHE A 52 -1.82 -1.82 -5.25
C PHE A 52 -1.76 -0.46 -5.95
N PRO A 53 -2.12 -0.35 -7.29
CA PRO A 53 -2.08 0.93 -8.06
C PRO A 53 -2.62 2.14 -7.28
N ALA A 54 -2.05 3.33 -7.56
CA ALA A 54 -2.31 4.58 -6.80
C ALA A 54 -3.80 4.95 -6.76
N SER A 55 -4.58 4.45 -7.73
CA SER A 55 -6.04 4.66 -7.82
C SER A 55 -6.81 4.15 -6.56
N TYR A 56 -6.24 3.13 -5.89
CA TYR A 56 -6.81 2.54 -4.66
C TYR A 56 -6.50 3.40 -3.42
N VAL A 57 -5.36 4.10 -3.44
CA VAL A 57 -4.78 4.75 -2.24
C VAL A 57 -4.56 6.27 -2.44
N GLN A 58 -3.89 6.88 -1.46
CA GLN A 58 -3.45 8.29 -1.48
C GLN A 58 -1.92 8.32 -1.35
N LEU A 59 -1.27 9.23 -2.11
CA LEU A 59 0.18 9.44 -2.05
C LEU A 59 0.49 10.74 -1.29
N LEU A 60 1.22 10.61 -0.18
CA LEU A 60 1.68 11.76 0.63
C LEU A 60 3.16 11.50 1.06
N MET A 1 16.64 8.18 -0.84
CA MET A 1 15.67 9.27 -0.50
C MET A 1 14.34 9.01 -1.20
N SER A 2 13.27 8.79 -0.41
CA SER A 2 11.92 8.57 -0.92
C SER A 2 10.91 9.22 0.04
N GLY A 3 10.63 10.52 -0.19
CA GLY A 3 9.59 11.25 0.54
C GLY A 3 8.24 11.04 -0.11
N ALA A 4 7.83 9.76 -0.15
CA ALA A 4 6.61 9.30 -0.83
C ALA A 4 5.84 8.35 0.09
N ARG A 5 4.65 8.79 0.51
CA ARG A 5 3.73 8.02 1.35
C ARG A 5 2.34 8.01 0.71
N CYS A 6 1.57 6.97 1.03
CA CYS A 6 0.18 6.83 0.64
C CYS A 6 -0.67 6.65 1.91
N ARG A 7 -1.99 6.60 1.72
CA ARG A 7 -2.97 6.36 2.79
C ARG A 7 -4.23 5.78 2.14
N THR A 8 -4.72 4.66 2.68
CA THR A 8 -5.86 3.91 2.14
C THR A 8 -7.16 4.71 2.25
N LEU A 9 -8.05 4.50 1.27
CA LEU A 9 -9.34 5.16 1.22
C LEU A 9 -10.33 4.46 2.16
N TYR A 10 -10.60 3.18 1.87
CA TYR A 10 -11.65 2.38 2.55
C TYR A 10 -11.15 0.92 2.75
N PRO A 11 -11.81 0.08 3.64
CA PRO A 11 -11.38 -1.33 3.89
C PRO A 11 -11.48 -2.20 2.62
N PHE A 12 -10.35 -2.78 2.21
CA PHE A 12 -10.29 -3.68 1.05
C PHE A 12 -10.50 -5.13 1.54
N SER A 13 -11.21 -5.92 0.73
CA SER A 13 -11.50 -7.32 1.06
C SER A 13 -11.05 -8.23 -0.10
N GLY A 14 -11.79 -8.18 -1.23
CA GLY A 14 -11.61 -9.13 -2.33
C GLY A 14 -12.40 -10.40 -2.09
N GLU A 15 -12.78 -11.08 -3.18
CA GLU A 15 -13.61 -12.30 -3.14
C GLU A 15 -12.79 -13.51 -2.67
N ARG A 16 -11.50 -13.52 -3.01
CA ARG A 16 -10.57 -14.62 -2.70
C ARG A 16 -9.13 -14.12 -2.85
N HIS A 17 -8.29 -14.40 -1.82
CA HIS A 17 -6.87 -14.02 -1.79
C HIS A 17 -6.13 -14.83 -0.70
N GLY A 18 -5.19 -15.71 -1.13
CA GLY A 18 -4.42 -16.57 -0.22
C GLY A 18 -3.61 -15.78 0.79
N GLN A 19 -2.88 -14.76 0.28
CA GLN A 19 -2.11 -13.82 1.10
C GLN A 19 -1.92 -12.49 0.34
N GLY A 20 -1.86 -11.39 1.10
CA GLY A 20 -1.50 -10.07 0.60
C GLY A 20 -0.89 -9.24 1.72
N LEU A 21 -0.80 -7.92 1.52
CA LEU A 21 -0.32 -6.99 2.57
C LEU A 21 -1.53 -6.33 3.23
N ARG A 22 -1.62 -6.45 4.57
CA ARG A 22 -2.76 -5.98 5.37
C ARG A 22 -2.70 -4.45 5.58
N PHE A 23 -3.83 -3.76 5.36
CA PHE A 23 -4.01 -2.34 5.71
C PHE A 23 -5.36 -2.17 6.42
N ALA A 24 -5.42 -1.21 7.35
CA ALA A 24 -6.68 -0.76 7.96
C ALA A 24 -7.25 0.42 7.16
N ALA A 25 -8.53 0.78 7.41
CA ALA A 25 -9.19 1.94 6.76
C ALA A 25 -8.52 3.25 7.20
N GLY A 26 -8.00 4.02 6.23
CA GLY A 26 -7.35 5.30 6.51
C GLY A 26 -5.93 5.15 7.07
N GLU A 27 -5.35 3.94 6.91
CA GLU A 27 -3.99 3.63 7.39
C GLU A 27 -2.97 3.93 6.26
N LEU A 28 -1.79 4.43 6.67
CA LEU A 28 -0.73 4.88 5.75
C LEU A 28 0.01 3.68 5.12
N ILE A 29 0.77 3.97 4.03
CA ILE A 29 1.64 2.99 3.35
C ILE A 29 3.01 3.66 3.16
N THR A 30 4.08 3.02 3.66
CA THR A 30 5.47 3.48 3.47
C THR A 30 6.00 2.92 2.14
N LEU A 31 6.12 3.80 1.11
CA LEU A 31 6.60 3.40 -0.22
C LEU A 31 8.13 3.25 -0.20
N LEU A 32 8.59 1.99 -0.23
CA LEU A 32 10.01 1.63 -0.20
C LEU A 32 10.62 1.73 -1.61
N GLN A 33 9.94 1.05 -2.58
CA GLN A 33 10.26 1.16 -4.02
C GLN A 33 9.17 1.99 -4.70
N VAL A 34 9.58 2.76 -5.73
CA VAL A 34 8.66 3.50 -6.61
C VAL A 34 8.94 3.17 -8.10
N PRO A 35 8.63 1.90 -8.57
CA PRO A 35 8.86 1.50 -9.97
C PRO A 35 7.87 2.19 -10.96
N ASP A 36 8.42 2.75 -12.05
CA ASP A 36 7.67 3.42 -13.14
C ASP A 36 6.88 4.65 -12.62
N GLY A 37 5.65 4.43 -12.16
CA GLY A 37 4.74 5.53 -11.77
C GLY A 37 3.29 5.10 -11.71
N GLY A 38 3.03 3.88 -11.20
CA GLY A 38 1.68 3.32 -11.06
C GLY A 38 1.57 2.45 -9.81
N TRP A 39 1.92 1.17 -9.95
CA TRP A 39 1.98 0.22 -8.83
C TRP A 39 3.32 0.38 -8.12
N TRP A 40 3.28 0.84 -6.87
CA TRP A 40 4.48 1.07 -6.05
C TRP A 40 4.53 0.09 -4.88
N GLU A 41 5.75 -0.34 -4.52
CA GLU A 41 5.99 -1.35 -3.48
C GLU A 41 6.18 -0.69 -2.13
N GLY A 42 5.33 -1.08 -1.17
CA GLY A 42 5.36 -0.59 0.19
C GLY A 42 5.35 -1.71 1.20
N GLU A 43 5.60 -1.36 2.47
CA GLU A 43 5.58 -2.30 3.59
C GLU A 43 4.59 -1.79 4.65
N LYS A 44 4.05 -2.72 5.44
CA LYS A 44 3.19 -2.37 6.59
C LYS A 44 3.67 -3.10 7.85
N GLU A 45 3.06 -2.76 9.00
CA GLU A 45 3.38 -3.35 10.32
C GLU A 45 2.97 -4.84 10.38
N ASP A 46 2.22 -5.29 9.36
CA ASP A 46 1.91 -6.71 9.08
C ASP A 46 3.22 -7.55 8.96
N GLY A 47 4.33 -6.88 8.58
CA GLY A 47 5.67 -7.51 8.47
C GLY A 47 6.02 -7.83 7.03
N LEU A 48 4.99 -7.98 6.19
CA LEU A 48 5.14 -8.31 4.76
C LEU A 48 5.23 -7.03 3.93
N ARG A 49 5.49 -7.22 2.63
CA ARG A 49 5.50 -6.15 1.64
C ARG A 49 4.50 -6.51 0.52
N GLY A 50 4.05 -5.48 -0.21
CA GLY A 50 3.12 -5.66 -1.32
C GLY A 50 3.18 -4.47 -2.27
N TRP A 51 2.83 -4.72 -3.53
CA TRP A 51 2.79 -3.69 -4.59
C TRP A 51 1.34 -3.44 -4.98
N PHE A 52 0.93 -2.17 -4.93
CA PHE A 52 -0.47 -1.74 -5.11
C PHE A 52 -0.51 -0.47 -5.99
N PRO A 53 -1.59 -0.28 -6.83
CA PRO A 53 -1.71 0.93 -7.68
C PRO A 53 -1.97 2.19 -6.83
N ALA A 54 -1.37 3.31 -7.27
CA ALA A 54 -1.56 4.65 -6.63
C ALA A 54 -3.03 5.08 -6.71
N SER A 55 -3.76 4.51 -7.69
CA SER A 55 -5.19 4.73 -7.90
C SER A 55 -6.02 4.18 -6.71
N TYR A 56 -5.62 3.00 -6.18
CA TYR A 56 -6.40 2.29 -5.13
C TYR A 56 -6.24 3.00 -3.76
N VAL A 57 -5.05 3.59 -3.56
CA VAL A 57 -4.71 4.37 -2.35
C VAL A 57 -4.73 5.86 -2.70
N GLN A 58 -4.23 6.72 -1.80
CA GLN A 58 -4.15 8.18 -2.04
C GLN A 58 -2.84 8.74 -1.48
N LEU A 59 -2.13 9.54 -2.30
CA LEU A 59 -0.84 10.14 -1.94
C LEU A 59 -1.01 11.26 -0.90
N LEU A 60 -0.06 11.33 0.03
CA LEU A 60 -0.03 12.32 1.11
C LEU A 60 0.79 13.54 0.66
N MET A 1 13.68 6.30 8.12
CA MET A 1 13.01 7.62 8.19
C MET A 1 11.79 7.65 7.25
N SER A 2 10.80 8.49 7.59
CA SER A 2 9.62 8.72 6.75
C SER A 2 10.02 9.46 5.45
N GLY A 3 9.44 9.03 4.32
CA GLY A 3 9.69 9.65 3.02
C GLY A 3 8.42 9.66 2.19
N ALA A 4 8.46 8.96 1.04
CA ALA A 4 7.29 8.78 0.17
C ALA A 4 6.29 7.82 0.85
N ARG A 5 4.99 8.15 0.78
CA ARG A 5 3.93 7.33 1.39
C ARG A 5 2.56 7.67 0.79
N CYS A 6 1.55 6.86 1.19
CA CYS A 6 0.17 6.97 0.72
C CYS A 6 -0.81 6.71 1.88
N ARG A 7 -2.10 6.94 1.62
CA ARG A 7 -3.18 6.90 2.62
C ARG A 7 -4.18 5.80 2.24
N THR A 8 -4.48 4.92 3.18
CA THR A 8 -5.52 3.90 3.04
C THR A 8 -6.89 4.55 3.28
N LEU A 9 -7.72 4.63 2.22
CA LEU A 9 -9.02 5.29 2.27
C LEU A 9 -10.02 4.47 3.12
N TYR A 10 -10.26 3.21 2.72
CA TYR A 10 -11.26 2.32 3.37
C TYR A 10 -10.68 0.90 3.53
N PRO A 11 -11.19 0.06 4.50
CA PRO A 11 -10.74 -1.36 4.64
C PRO A 11 -11.13 -2.23 3.43
N PHE A 12 -10.13 -2.88 2.84
CA PHE A 12 -10.29 -3.82 1.73
C PHE A 12 -10.44 -5.23 2.31
N SER A 13 -11.55 -5.89 2.01
CA SER A 13 -11.82 -7.29 2.40
C SER A 13 -12.15 -8.08 1.11
N GLY A 14 -12.78 -9.25 1.27
CA GLY A 14 -13.17 -10.09 0.13
C GLY A 14 -13.45 -11.52 0.54
N GLU A 15 -12.66 -12.01 1.54
CA GLU A 15 -12.76 -13.38 2.10
C GLU A 15 -12.39 -14.49 1.07
N ARG A 16 -11.96 -14.09 -0.14
CA ARG A 16 -11.58 -15.00 -1.24
C ARG A 16 -10.14 -15.48 -1.02
N HIS A 17 -9.29 -14.52 -0.61
CA HIS A 17 -7.87 -14.75 -0.32
C HIS A 17 -7.72 -15.25 1.11
N GLY A 18 -7.18 -16.47 1.28
CA GLY A 18 -6.82 -16.99 2.60
C GLY A 18 -5.68 -16.17 3.20
N GLN A 19 -4.61 -16.03 2.40
CA GLN A 19 -3.44 -15.17 2.69
C GLN A 19 -3.26 -14.15 1.54
N GLY A 20 -2.85 -12.93 1.91
CA GLY A 20 -2.63 -11.83 0.96
C GLY A 20 -2.62 -10.49 1.67
N LEU A 21 -2.03 -9.46 1.06
CA LEU A 21 -1.93 -8.14 1.70
C LEU A 21 -3.20 -7.33 1.38
N ARG A 22 -3.77 -6.72 2.43
CA ARG A 22 -4.96 -5.84 2.33
C ARG A 22 -4.61 -4.47 2.93
N PHE A 23 -5.50 -3.49 2.72
CA PHE A 23 -5.34 -2.13 3.27
C PHE A 23 -6.56 -1.78 4.11
N ALA A 24 -6.40 -1.64 5.43
CA ALA A 24 -7.45 -1.15 6.32
C ALA A 24 -7.27 0.35 6.52
N ALA A 25 -8.34 1.02 6.96
CA ALA A 25 -8.40 2.49 7.02
C ALA A 25 -7.50 3.04 8.14
N GLY A 26 -6.63 4.00 7.80
CA GLY A 26 -5.76 4.68 8.76
C GLY A 26 -4.28 4.43 8.54
N GLU A 27 -3.91 3.24 8.00
CA GLU A 27 -2.50 2.91 7.73
C GLU A 27 -1.86 3.87 6.71
N LEU A 28 -0.68 4.39 7.07
CA LEU A 28 0.15 5.24 6.21
C LEU A 28 1.24 4.35 5.59
N ILE A 29 1.05 3.98 4.31
CA ILE A 29 1.87 2.95 3.65
C ILE A 29 3.12 3.60 3.04
N THR A 30 4.29 3.32 3.65
CA THR A 30 5.55 3.95 3.24
C THR A 30 6.05 3.35 1.92
N LEU A 31 5.99 4.15 0.85
CA LEU A 31 6.51 3.77 -0.46
C LEU A 31 8.05 3.73 -0.39
N LEU A 32 8.60 2.51 -0.34
CA LEU A 32 10.05 2.26 -0.26
C LEU A 32 10.72 2.54 -1.60
N GLN A 33 9.96 2.32 -2.68
CA GLN A 33 10.39 2.56 -4.05
C GLN A 33 9.37 3.45 -4.76
N VAL A 34 9.88 4.43 -5.51
CA VAL A 34 9.10 5.33 -6.36
C VAL A 34 9.74 5.35 -7.77
N PRO A 35 9.27 4.44 -8.68
CA PRO A 35 9.76 4.39 -10.09
C PRO A 35 9.05 5.46 -10.95
N ASP A 36 8.99 5.23 -12.28
CA ASP A 36 8.27 6.12 -13.22
C ASP A 36 6.76 6.16 -12.90
N GLY A 37 6.21 5.04 -12.39
CA GLY A 37 4.81 4.95 -11.98
C GLY A 37 4.26 3.55 -12.11
N GLY A 38 2.92 3.44 -12.09
CA GLY A 38 2.21 2.17 -12.25
C GLY A 38 2.17 1.37 -10.96
N TRP A 39 3.31 0.74 -10.64
CA TRP A 39 3.45 -0.11 -9.43
C TRP A 39 4.44 0.54 -8.47
N TRP A 40 4.08 0.63 -7.18
CA TRP A 40 4.98 1.11 -6.11
C TRP A 40 5.19 -0.01 -5.09
N GLU A 41 6.35 0.03 -4.41
CA GLU A 41 6.67 -0.88 -3.31
C GLU A 41 6.22 -0.21 -2.00
N GLY A 42 5.31 -0.87 -1.26
CA GLY A 42 4.73 -0.28 -0.04
C GLY A 42 4.94 -1.16 1.19
N GLU A 43 5.31 -0.52 2.29
CA GLU A 43 5.58 -1.17 3.58
C GLU A 43 4.44 -0.90 4.56
N LYS A 44 4.08 -1.93 5.35
CA LYS A 44 3.05 -1.85 6.40
C LYS A 44 3.64 -2.29 7.76
N GLU A 45 3.00 -1.84 8.85
CA GLU A 45 3.35 -2.25 10.23
C GLU A 45 2.77 -3.65 10.57
N ASP A 46 2.08 -4.25 9.58
CA ASP A 46 1.65 -5.66 9.60
C ASP A 46 2.89 -6.59 9.57
N GLY A 47 3.99 -6.10 8.97
CA GLY A 47 5.21 -6.87 8.78
C GLY A 47 5.32 -7.44 7.37
N LEU A 48 4.18 -7.47 6.65
CA LEU A 48 4.11 -7.95 5.25
C LEU A 48 4.13 -6.75 4.29
N ARG A 49 4.59 -7.01 3.05
CA ARG A 49 4.50 -6.06 1.92
C ARG A 49 3.78 -6.73 0.74
N GLY A 50 3.45 -5.91 -0.27
CA GLY A 50 2.72 -6.36 -1.45
C GLY A 50 2.83 -5.35 -2.58
N TRP A 51 2.32 -5.73 -3.77
CA TRP A 51 2.37 -4.89 -4.98
C TRP A 51 0.95 -4.44 -5.33
N PHE A 52 0.78 -3.12 -5.46
CA PHE A 52 -0.54 -2.46 -5.68
C PHE A 52 -0.34 -1.14 -6.45
N PRO A 53 -1.31 -0.74 -7.34
CA PRO A 53 -1.31 0.57 -8.01
C PRO A 53 -1.92 1.68 -7.11
N ALA A 54 -1.92 2.91 -7.64
CA ALA A 54 -2.56 4.10 -6.99
C ALA A 54 -4.11 3.95 -6.89
N SER A 55 -4.65 2.98 -7.65
CA SER A 55 -6.10 2.67 -7.70
C SER A 55 -6.69 2.27 -6.31
N TYR A 56 -5.81 1.86 -5.37
CA TYR A 56 -6.21 1.42 -4.01
C TYR A 56 -5.72 2.40 -2.92
N VAL A 57 -4.76 3.29 -3.26
CA VAL A 57 -4.08 4.16 -2.26
C VAL A 57 -3.98 5.62 -2.76
N GLN A 58 -4.28 6.59 -1.88
CA GLN A 58 -4.21 8.03 -2.17
C GLN A 58 -2.82 8.57 -1.80
N LEU A 59 -2.01 8.98 -2.80
CA LEU A 59 -0.64 9.51 -2.57
C LEU A 59 -0.67 10.81 -1.75
N LEU A 60 0.04 10.81 -0.60
CA LEU A 60 0.07 11.95 0.33
C LEU A 60 1.02 13.06 -0.19
N MET A 1 15.75 13.81 -0.42
CA MET A 1 15.09 12.50 -0.33
C MET A 1 14.16 12.49 0.90
N SER A 2 12.92 11.97 0.73
CA SER A 2 11.91 11.92 1.81
C SER A 2 11.17 10.56 1.77
N GLY A 3 10.61 10.16 2.94
CA GLY A 3 9.91 8.89 3.11
C GLY A 3 8.52 8.90 2.46
N ALA A 4 8.46 8.49 1.18
CA ALA A 4 7.22 8.46 0.37
C ALA A 4 6.16 7.58 1.03
N ARG A 5 4.93 8.10 1.12
CA ARG A 5 3.82 7.47 1.86
C ARG A 5 2.49 7.66 1.13
N CYS A 6 1.57 6.71 1.37
CA CYS A 6 0.19 6.74 0.87
C CYS A 6 -0.75 6.26 1.99
N ARG A 7 -1.98 6.78 1.99
CA ARG A 7 -2.99 6.47 3.00
C ARG A 7 -4.09 5.59 2.39
N THR A 8 -4.73 4.77 3.23
CA THR A 8 -5.89 3.97 2.84
C THR A 8 -7.19 4.77 3.04
N LEU A 9 -8.01 4.77 1.99
CA LEU A 9 -9.31 5.45 1.97
C LEU A 9 -10.36 4.58 2.70
N TYR A 10 -10.47 3.32 2.27
CA TYR A 10 -11.50 2.38 2.75
C TYR A 10 -10.86 1.00 3.05
N PRO A 11 -11.47 0.17 3.96
CA PRO A 11 -11.02 -1.21 4.15
C PRO A 11 -11.55 -2.12 3.03
N PHE A 12 -10.81 -2.17 1.91
CA PHE A 12 -11.24 -2.90 0.71
C PHE A 12 -10.66 -4.33 0.74
N SER A 13 -11.52 -5.29 1.12
CA SER A 13 -11.24 -6.72 1.11
C SER A 13 -12.59 -7.47 0.97
N GLY A 14 -13.26 -7.23 -0.19
CA GLY A 14 -14.55 -7.87 -0.50
C GLY A 14 -14.44 -9.39 -0.61
N GLU A 15 -13.28 -9.84 -1.10
CA GLU A 15 -12.87 -11.24 -1.13
C GLU A 15 -11.49 -11.36 -0.47
N ARG A 16 -11.30 -12.40 0.35
CA ARG A 16 -10.02 -12.69 1.00
C ARG A 16 -8.97 -13.10 -0.07
N HIS A 17 -9.37 -14.09 -0.91
CA HIS A 17 -8.56 -14.66 -2.00
C HIS A 17 -7.30 -15.39 -1.47
N GLY A 18 -6.28 -14.62 -1.08
CA GLY A 18 -5.02 -15.15 -0.60
C GLY A 18 -3.85 -14.28 -1.02
N GLN A 19 -3.61 -14.24 -2.35
CA GLN A 19 -2.50 -13.47 -2.95
C GLN A 19 -2.88 -11.97 -2.99
N GLY A 20 -2.28 -11.21 -2.06
CA GLY A 20 -2.57 -9.77 -1.93
C GLY A 20 -2.12 -9.27 -0.58
N LEU A 21 -2.63 -8.09 -0.18
CA LEU A 21 -2.36 -7.49 1.13
C LEU A 21 -3.64 -6.79 1.62
N ARG A 22 -4.16 -7.22 2.79
CA ARG A 22 -5.39 -6.65 3.38
C ARG A 22 -5.05 -5.30 4.05
N PHE A 23 -5.71 -4.24 3.58
CA PHE A 23 -5.51 -2.86 4.07
C PHE A 23 -6.85 -2.30 4.62
N ALA A 24 -6.78 -1.74 5.85
CA ALA A 24 -7.94 -1.12 6.53
C ALA A 24 -7.83 0.41 6.47
N ALA A 25 -8.98 1.11 6.56
CA ALA A 25 -9.06 2.60 6.49
C ALA A 25 -8.24 3.27 7.60
N GLY A 26 -7.27 4.12 7.20
CA GLY A 26 -6.42 4.87 8.14
C GLY A 26 -4.96 4.42 8.13
N GLU A 27 -4.72 3.16 7.70
CA GLU A 27 -3.37 2.57 7.60
C GLU A 27 -2.49 3.35 6.61
N LEU A 28 -1.29 3.74 7.06
CA LEU A 28 -0.27 4.40 6.23
C LEU A 28 0.71 3.34 5.71
N ILE A 29 0.87 3.29 4.39
CA ILE A 29 1.83 2.41 3.69
C ILE A 29 3.02 3.28 3.23
N THR A 30 4.21 3.02 3.75
CA THR A 30 5.44 3.73 3.34
C THR A 30 6.05 3.02 2.14
N LEU A 31 6.01 3.69 0.97
CA LEU A 31 6.53 3.17 -0.30
C LEU A 31 8.06 3.01 -0.24
N LEU A 32 8.51 1.75 -0.35
CA LEU A 32 9.95 1.40 -0.35
C LEU A 32 10.50 1.55 -1.77
N GLN A 33 9.65 1.20 -2.75
CA GLN A 33 9.98 1.25 -4.18
C GLN A 33 9.06 2.27 -4.88
N VAL A 34 9.65 3.10 -5.75
CA VAL A 34 8.92 4.14 -6.52
C VAL A 34 9.53 4.27 -7.96
N PRO A 35 9.42 3.21 -8.84
CA PRO A 35 9.87 3.28 -10.25
C PRO A 35 8.88 4.06 -11.16
N ASP A 36 9.16 4.03 -12.47
CA ASP A 36 8.33 4.70 -13.50
C ASP A 36 7.06 3.87 -13.78
N GLY A 37 5.92 4.29 -13.20
CA GLY A 37 4.64 3.64 -13.44
C GLY A 37 3.59 4.01 -12.41
N GLY A 38 2.59 3.13 -12.22
CA GLY A 38 1.55 3.31 -11.20
C GLY A 38 1.68 2.31 -10.06
N TRP A 39 2.24 1.12 -10.37
CA TRP A 39 2.44 0.03 -9.39
C TRP A 39 3.71 0.31 -8.57
N TRP A 40 3.52 0.63 -7.28
CA TRP A 40 4.62 0.89 -6.34
C TRP A 40 4.48 -0.04 -5.11
N GLU A 41 5.60 -0.59 -4.62
CA GLU A 41 5.61 -1.49 -3.46
C GLU A 41 5.92 -0.71 -2.18
N GLY A 42 5.18 -1.04 -1.10
CA GLY A 42 5.32 -0.38 0.19
C GLY A 42 5.08 -1.34 1.35
N GLU A 43 5.37 -0.87 2.57
CA GLU A 43 5.40 -1.73 3.76
C GLU A 43 4.51 -1.13 4.88
N LYS A 44 3.93 -2.03 5.68
CA LYS A 44 3.11 -1.73 6.86
C LYS A 44 4.00 -1.60 8.12
N GLU A 45 3.36 -1.46 9.29
CA GLU A 45 4.03 -1.64 10.60
C GLU A 45 3.99 -3.14 10.98
N ASP A 46 4.62 -3.99 10.15
CA ASP A 46 4.45 -5.45 10.25
C ASP A 46 5.72 -6.23 9.84
N GLY A 47 6.30 -5.86 8.70
CA GLY A 47 7.45 -6.60 8.13
C GLY A 47 7.12 -7.33 6.83
N LEU A 48 5.84 -7.41 6.47
CA LEU A 48 5.39 -7.95 5.16
C LEU A 48 5.09 -6.81 4.19
N ARG A 49 5.63 -6.90 2.96
CA ARG A 49 5.53 -5.85 1.93
C ARG A 49 4.49 -6.27 0.89
N GLY A 50 3.72 -5.29 0.38
CA GLY A 50 2.72 -5.52 -0.65
C GLY A 50 2.80 -4.47 -1.75
N TRP A 51 2.32 -4.85 -2.95
CA TRP A 51 2.30 -3.98 -4.13
C TRP A 51 0.90 -3.38 -4.32
N PHE A 52 0.85 -2.06 -4.54
CA PHE A 52 -0.41 -1.32 -4.76
C PHE A 52 -0.25 -0.38 -5.97
N PRO A 53 -1.21 -0.43 -6.96
CA PRO A 53 -1.35 0.64 -7.96
C PRO A 53 -1.80 1.98 -7.29
N ALA A 54 -1.41 3.09 -7.92
CA ALA A 54 -1.72 4.46 -7.46
C ALA A 54 -3.24 4.72 -7.36
N SER A 55 -4.00 3.99 -8.17
CA SER A 55 -5.47 4.12 -8.26
C SER A 55 -6.21 3.55 -7.04
N TYR A 56 -5.53 2.70 -6.22
CA TYR A 56 -6.15 2.06 -5.04
C TYR A 56 -5.85 2.82 -3.74
N VAL A 57 -4.74 3.58 -3.73
CA VAL A 57 -4.24 4.27 -2.53
C VAL A 57 -4.27 5.79 -2.71
N GLN A 58 -4.42 6.51 -1.59
CA GLN A 58 -4.38 7.97 -1.55
C GLN A 58 -2.92 8.44 -1.53
N LEU A 59 -2.43 8.93 -2.69
CA LEU A 59 -1.07 9.46 -2.82
C LEU A 59 -0.96 10.75 -1.99
N LEU A 60 -0.12 10.73 -0.95
CA LEU A 60 0.06 11.87 -0.04
C LEU A 60 1.15 12.79 -0.61
N MET A 1 17.20 7.20 4.25
CA MET A 1 16.44 7.05 2.98
C MET A 1 15.00 7.53 3.18
N SER A 2 14.44 8.17 2.14
CA SER A 2 13.08 8.76 2.18
C SER A 2 12.00 7.70 1.86
N GLY A 3 10.86 7.78 2.56
CA GLY A 3 9.71 6.89 2.33
C GLY A 3 8.49 7.69 1.89
N ALA A 4 7.97 7.37 0.69
CA ALA A 4 6.82 8.07 0.10
C ALA A 4 5.52 7.60 0.78
N ARG A 5 4.94 8.46 1.62
CA ARG A 5 3.75 8.12 2.40
C ARG A 5 2.48 8.20 1.52
N CYS A 6 1.56 7.27 1.75
CA CYS A 6 0.25 7.25 1.10
C CYS A 6 -0.82 6.87 2.12
N ARG A 7 -2.07 7.21 1.81
CA ARG A 7 -3.25 6.89 2.61
C ARG A 7 -4.03 5.78 1.90
N THR A 8 -4.67 4.94 2.70
CA THR A 8 -5.55 3.89 2.21
C THR A 8 -7.01 4.40 2.21
N LEU A 9 -7.64 4.46 1.02
CA LEU A 9 -9.00 4.99 0.86
C LEU A 9 -10.04 4.05 1.50
N TYR A 10 -9.96 2.76 1.15
CA TYR A 10 -10.89 1.72 1.63
C TYR A 10 -10.10 0.46 2.06
N PRO A 11 -10.59 -0.32 3.09
CA PRO A 11 -9.90 -1.53 3.57
C PRO A 11 -10.07 -2.70 2.59
N PHE A 12 -8.95 -3.25 2.08
CA PHE A 12 -8.98 -4.41 1.18
C PHE A 12 -8.03 -5.51 1.71
N SER A 13 -8.64 -6.53 2.33
CA SER A 13 -7.96 -7.73 2.83
C SER A 13 -8.95 -8.91 2.85
N GLY A 14 -9.92 -8.87 1.92
CA GLY A 14 -11.02 -9.86 1.83
C GLY A 14 -10.53 -11.30 1.68
N GLU A 15 -10.31 -11.95 2.86
CA GLU A 15 -9.82 -13.34 2.98
C GLU A 15 -8.45 -13.50 2.25
N ARG A 16 -7.53 -12.55 2.55
CA ARG A 16 -6.17 -12.56 1.98
C ARG A 16 -5.18 -13.16 3.00
N HIS A 17 -5.14 -14.50 3.06
CA HIS A 17 -4.21 -15.26 3.94
C HIS A 17 -2.90 -15.59 3.21
N GLY A 18 -2.95 -15.52 1.86
CA GLY A 18 -1.77 -15.78 1.01
C GLY A 18 -0.80 -14.61 0.97
N GLN A 19 0.13 -14.64 0.00
CA GLN A 19 1.18 -13.60 -0.14
C GLN A 19 0.58 -12.29 -0.69
N GLY A 20 0.08 -11.49 0.24
CA GLY A 20 -0.50 -10.18 -0.03
C GLY A 20 -0.63 -9.39 1.25
N LEU A 21 -0.41 -8.08 1.18
CA LEU A 21 -0.31 -7.22 2.36
C LEU A 21 -1.70 -6.65 2.74
N ARG A 22 -1.95 -6.56 4.06
CA ARG A 22 -3.24 -6.13 4.63
C ARG A 22 -3.18 -4.66 5.06
N PHE A 23 -4.27 -3.94 4.77
CA PHE A 23 -4.38 -2.48 5.01
C PHE A 23 -5.85 -2.07 5.21
N ALA A 24 -6.10 -1.45 6.38
CA ALA A 24 -7.39 -0.82 6.72
C ALA A 24 -7.36 0.66 6.33
N ALA A 25 -8.54 1.24 6.03
CA ALA A 25 -8.67 2.64 5.55
C ALA A 25 -8.16 3.65 6.60
N GLY A 26 -7.22 4.53 6.18
CA GLY A 26 -6.67 5.59 7.03
C GLY A 26 -5.20 5.41 7.36
N GLU A 27 -4.71 4.15 7.24
CA GLU A 27 -3.32 3.81 7.58
C GLU A 27 -2.31 4.36 6.56
N LEU A 28 -1.14 4.79 7.08
CA LEU A 28 -0.03 5.33 6.29
C LEU A 28 0.86 4.20 5.76
N ILE A 29 0.83 3.99 4.43
CA ILE A 29 1.69 3.03 3.75
C ILE A 29 2.99 3.72 3.30
N THR A 30 4.13 3.22 3.78
CA THR A 30 5.45 3.72 3.40
C THR A 30 5.89 3.01 2.10
N LEU A 31 5.80 3.72 0.97
CA LEU A 31 6.32 3.24 -0.32
C LEU A 31 7.85 3.28 -0.27
N LEU A 32 8.44 2.09 -0.19
CA LEU A 32 9.90 1.90 -0.10
C LEU A 32 10.53 2.12 -1.48
N GLN A 33 9.93 1.47 -2.49
CA GLN A 33 10.41 1.53 -3.88
C GLN A 33 9.28 1.97 -4.81
N VAL A 34 9.62 2.86 -5.75
CA VAL A 34 8.71 3.35 -6.80
C VAL A 34 9.24 2.90 -8.18
N PRO A 35 8.79 1.69 -8.70
CA PRO A 35 9.25 1.12 -9.99
C PRO A 35 9.05 2.09 -11.18
N ASP A 36 7.83 2.63 -11.29
CA ASP A 36 7.46 3.61 -12.33
C ASP A 36 6.15 4.31 -11.93
N GLY A 37 5.02 3.62 -12.15
CA GLY A 37 3.69 4.19 -11.94
C GLY A 37 2.63 3.11 -11.82
N GLY A 38 1.57 3.39 -11.04
CA GLY A 38 0.47 2.46 -10.85
C GLY A 38 0.67 1.55 -9.66
N TRP A 39 1.73 0.74 -9.69
CA TRP A 39 1.98 -0.32 -8.68
C TRP A 39 3.32 -0.08 -8.00
N TRP A 40 3.29 0.51 -6.80
CA TRP A 40 4.50 0.82 -6.03
C TRP A 40 4.55 -0.07 -4.79
N GLU A 41 5.78 -0.45 -4.38
CA GLU A 41 5.98 -1.38 -3.28
C GLU A 41 6.10 -0.61 -1.96
N GLY A 42 5.15 -0.88 -1.07
CA GLY A 42 5.09 -0.30 0.24
C GLY A 42 4.93 -1.36 1.29
N GLU A 43 5.48 -1.12 2.49
CA GLU A 43 5.41 -2.07 3.60
C GLU A 43 4.36 -1.61 4.62
N LYS A 44 3.93 -2.56 5.43
CA LYS A 44 3.10 -2.34 6.61
C LYS A 44 3.74 -3.14 7.76
N GLU A 45 3.48 -2.73 9.01
CA GLU A 45 3.99 -3.39 10.23
C GLU A 45 3.43 -4.83 10.46
N ASP A 46 2.65 -5.36 9.50
CA ASP A 46 2.25 -6.78 9.47
C ASP A 46 3.46 -7.71 9.21
N GLY A 47 4.58 -7.14 8.73
CA GLY A 47 5.80 -7.91 8.45
C GLY A 47 5.94 -8.24 6.96
N LEU A 48 4.83 -8.09 6.21
CA LEU A 48 4.80 -8.31 4.76
C LEU A 48 4.95 -6.96 4.03
N ARG A 49 5.29 -7.05 2.74
CA ARG A 49 5.28 -5.92 1.80
C ARG A 49 4.31 -6.27 0.67
N GLY A 50 3.77 -5.24 -0.01
CA GLY A 50 2.87 -5.45 -1.14
C GLY A 50 2.95 -4.32 -2.14
N TRP A 51 2.48 -4.60 -3.36
CA TRP A 51 2.28 -3.58 -4.42
C TRP A 51 0.87 -2.99 -4.28
N PHE A 52 0.78 -1.67 -4.27
CA PHE A 52 -0.47 -0.94 -3.99
C PHE A 52 -1.01 -0.27 -5.28
N PRO A 53 -2.38 -0.36 -5.52
CA PRO A 53 -3.03 0.28 -6.68
C PRO A 53 -3.13 1.81 -6.50
N ALA A 54 -2.57 2.55 -7.48
CA ALA A 54 -2.39 4.03 -7.42
C ALA A 54 -3.70 4.79 -7.20
N SER A 55 -4.74 4.39 -7.96
CA SER A 55 -6.06 5.05 -7.92
C SER A 55 -6.85 4.66 -6.65
N TYR A 56 -6.53 3.48 -6.09
CA TYR A 56 -7.24 2.94 -4.90
C TYR A 56 -6.63 3.48 -3.59
N VAL A 57 -5.40 4.02 -3.66
CA VAL A 57 -4.74 4.70 -2.52
C VAL A 57 -4.67 6.22 -2.81
N GLN A 58 -4.76 7.04 -1.75
CA GLN A 58 -4.61 8.50 -1.86
C GLN A 58 -3.12 8.86 -1.72
N LEU A 59 -2.53 9.41 -2.78
CA LEU A 59 -1.12 9.83 -2.79
C LEU A 59 -0.97 11.16 -2.04
N LEU A 60 -0.02 11.21 -1.08
CA LEU A 60 0.30 12.44 -0.33
C LEU A 60 1.30 13.28 -1.14
N MET A 1 14.58 10.45 -4.23
CA MET A 1 13.63 9.36 -3.95
C MET A 1 13.64 9.06 -2.43
N SER A 2 12.72 9.73 -1.70
CA SER A 2 12.59 9.59 -0.23
C SER A 2 11.28 10.25 0.23
N GLY A 3 10.86 9.92 1.48
CA GLY A 3 9.63 10.45 2.08
C GLY A 3 8.35 9.87 1.47
N ALA A 4 8.48 8.65 0.89
CA ALA A 4 7.41 7.98 0.13
C ALA A 4 6.34 7.40 1.08
N ARG A 5 5.37 8.25 1.42
CA ARG A 5 4.23 7.90 2.30
C ARG A 5 2.94 7.86 1.46
N CYS A 6 1.98 7.03 1.91
CA CYS A 6 0.63 6.99 1.34
C CYS A 6 -0.33 6.37 2.37
N ARG A 7 -1.55 6.92 2.48
CA ARG A 7 -2.60 6.39 3.38
C ARG A 7 -3.74 5.81 2.55
N THR A 8 -4.17 4.58 2.86
CA THR A 8 -5.24 3.89 2.14
C THR A 8 -6.60 4.60 2.33
N LEU A 9 -7.37 4.70 1.24
CA LEU A 9 -8.69 5.34 1.21
C LEU A 9 -9.81 4.30 1.34
N TYR A 10 -9.48 3.04 0.99
CA TYR A 10 -10.41 1.90 1.00
C TYR A 10 -9.76 0.70 1.71
N PRO A 11 -10.58 -0.21 2.34
CA PRO A 11 -10.08 -1.49 2.86
C PRO A 11 -9.81 -2.50 1.72
N PHE A 12 -9.06 -3.56 2.04
CA PHE A 12 -8.71 -4.63 1.09
C PHE A 12 -9.73 -5.76 1.22
N SER A 13 -10.68 -5.82 0.26
CA SER A 13 -11.66 -6.91 0.16
C SER A 13 -10.94 -8.21 -0.25
N GLY A 14 -11.05 -9.23 0.61
CA GLY A 14 -10.42 -10.53 0.37
C GLY A 14 -10.71 -11.53 1.47
N GLU A 15 -10.16 -12.74 1.33
CA GLU A 15 -10.32 -13.82 2.32
C GLU A 15 -9.28 -13.65 3.46
N ARG A 16 -9.42 -14.42 4.56
CA ARG A 16 -8.49 -14.39 5.70
C ARG A 16 -7.05 -14.70 5.25
N HIS A 17 -6.87 -15.88 4.59
CA HIS A 17 -5.63 -16.26 3.87
C HIS A 17 -4.42 -16.48 4.83
N GLY A 18 -3.31 -17.02 4.29
CA GLY A 18 -2.08 -17.24 5.05
C GLY A 18 -1.36 -15.95 5.41
N GLN A 19 -0.80 -15.26 4.39
CA GLN A 19 -0.01 -14.03 4.58
C GLN A 19 -0.05 -13.14 3.32
N GLY A 20 0.02 -11.81 3.55
CA GLY A 20 0.06 -10.81 2.47
C GLY A 20 -0.13 -9.41 3.03
N LEU A 21 -0.22 -8.40 2.13
CA LEU A 21 -0.52 -7.01 2.56
C LEU A 21 -2.05 -6.80 2.54
N ARG A 22 -2.59 -6.58 3.74
CA ARG A 22 -4.00 -6.29 3.99
C ARG A 22 -4.07 -4.95 4.73
N PHE A 23 -5.19 -4.24 4.54
CA PHE A 23 -5.39 -2.90 5.11
C PHE A 23 -6.88 -2.58 5.24
N ALA A 24 -7.19 -1.71 6.21
CA ALA A 24 -8.48 -1.01 6.34
C ALA A 24 -8.36 0.39 5.71
N ALA A 25 -9.49 1.10 5.54
CA ALA A 25 -9.48 2.51 5.12
C ALA A 25 -8.83 3.39 6.22
N GLY A 26 -7.63 3.94 5.92
CA GLY A 26 -6.94 4.86 6.83
C GLY A 26 -5.62 4.31 7.38
N GLU A 27 -5.03 3.31 6.72
CA GLU A 27 -3.74 2.70 7.16
C GLU A 27 -2.54 3.40 6.47
N LEU A 28 -1.48 3.68 7.24
CA LEU A 28 -0.26 4.34 6.75
C LEU A 28 0.68 3.30 6.12
N ILE A 29 0.71 3.26 4.78
CA ILE A 29 1.59 2.40 3.98
C ILE A 29 2.90 3.14 3.64
N THR A 30 4.03 2.54 4.02
CA THR A 30 5.37 3.03 3.68
C THR A 30 5.80 2.44 2.33
N LEU A 31 5.83 3.28 1.27
CA LEU A 31 6.22 2.85 -0.09
C LEU A 31 7.73 2.58 -0.12
N LEU A 32 8.10 1.29 -0.29
CA LEU A 32 9.50 0.86 -0.33
C LEU A 32 10.09 1.12 -1.72
N GLN A 33 9.40 0.61 -2.75
CA GLN A 33 9.80 0.78 -4.16
C GLN A 33 8.80 1.72 -4.84
N VAL A 34 9.32 2.68 -5.61
CA VAL A 34 8.51 3.64 -6.37
C VAL A 34 9.04 3.78 -7.82
N PRO A 35 8.62 2.86 -8.76
CA PRO A 35 8.89 3.00 -10.20
C PRO A 35 7.96 4.07 -10.83
N ASP A 36 8.34 4.56 -12.02
CA ASP A 36 7.60 5.60 -12.74
C ASP A 36 6.30 5.01 -13.33
N GLY A 37 5.18 5.26 -12.64
CA GLY A 37 3.86 4.79 -13.08
C GLY A 37 2.82 5.07 -12.00
N GLY A 38 1.74 4.28 -12.00
CA GLY A 38 0.74 4.32 -10.92
C GLY A 38 0.91 3.17 -9.93
N TRP A 39 1.66 2.14 -10.36
CA TRP A 39 1.90 0.91 -9.57
C TRP A 39 3.19 1.09 -8.74
N TRP A 40 3.05 1.01 -7.41
CA TRP A 40 4.19 1.11 -6.47
C TRP A 40 4.14 -0.03 -5.46
N GLU A 41 5.30 -0.40 -4.94
CA GLU A 41 5.43 -1.46 -3.92
C GLU A 41 5.64 -0.78 -2.57
N GLY A 42 4.89 -1.23 -1.56
CA GLY A 42 4.94 -0.66 -0.23
C GLY A 42 4.56 -1.67 0.82
N GLU A 43 5.09 -1.49 2.04
CA GLU A 43 4.70 -2.28 3.20
C GLU A 43 3.79 -1.47 4.11
N LYS A 44 2.94 -2.17 4.86
CA LYS A 44 2.36 -1.64 6.08
C LYS A 44 3.45 -1.78 7.16
N GLU A 45 3.39 -0.93 8.20
CA GLU A 45 4.47 -0.80 9.20
C GLU A 45 4.54 -2.01 10.19
N ASP A 46 3.89 -3.13 9.83
CA ASP A 46 4.01 -4.43 10.50
C ASP A 46 5.02 -5.35 9.78
N GLY A 47 5.60 -4.85 8.66
CA GLY A 47 6.57 -5.61 7.86
C GLY A 47 5.93 -6.40 6.72
N LEU A 48 4.61 -6.27 6.55
CA LEU A 48 3.84 -6.97 5.50
C LEU A 48 3.79 -6.09 4.24
N ARG A 49 4.42 -6.55 3.14
CA ARG A 49 4.56 -5.73 1.91
C ARG A 49 3.84 -6.37 0.72
N GLY A 50 3.67 -5.57 -0.35
CA GLY A 50 3.00 -6.01 -1.57
C GLY A 50 2.88 -4.92 -2.61
N TRP A 51 2.44 -5.31 -3.82
CA TRP A 51 2.23 -4.38 -4.95
C TRP A 51 0.78 -3.91 -5.01
N PHE A 52 0.59 -2.57 -5.07
CA PHE A 52 -0.74 -1.93 -5.23
C PHE A 52 -0.59 -0.62 -6.02
N PRO A 53 -1.60 -0.25 -6.88
CA PRO A 53 -1.62 1.05 -7.58
C PRO A 53 -2.09 2.18 -6.64
N ALA A 54 -2.07 3.42 -7.18
CA ALA A 54 -2.56 4.63 -6.49
C ALA A 54 -4.06 4.52 -6.13
N SER A 55 -4.78 3.62 -6.85
CA SER A 55 -6.24 3.41 -6.74
C SER A 55 -6.71 3.13 -5.28
N TYR A 56 -5.86 2.45 -4.48
CA TYR A 56 -6.21 2.04 -3.10
C TYR A 56 -5.68 3.04 -2.05
N VAL A 57 -4.71 3.89 -2.44
CA VAL A 57 -3.97 4.77 -1.50
C VAL A 57 -4.15 6.26 -1.85
N GLN A 58 -3.61 7.12 -0.98
CA GLN A 58 -3.54 8.59 -1.16
C GLN A 58 -2.10 9.02 -0.86
N LEU A 59 -1.42 9.54 -1.89
CA LEU A 59 -0.02 9.98 -1.79
C LEU A 59 0.10 11.16 -0.79
N LEU A 60 1.00 11.00 0.19
CA LEU A 60 1.20 11.97 1.28
C LEU A 60 2.54 12.69 1.06
N MET A 1 12.45 1.98 1.66
CA MET A 1 12.00 1.45 2.97
C MET A 1 10.96 2.39 3.59
N SER A 2 11.29 3.69 3.64
CA SER A 2 10.45 4.75 4.21
C SER A 2 10.44 5.98 3.26
N GLY A 3 9.98 7.14 3.79
CA GLY A 3 9.98 8.40 3.05
C GLY A 3 8.67 8.62 2.30
N ALA A 4 8.35 7.69 1.39
CA ALA A 4 7.13 7.73 0.60
C ALA A 4 5.90 7.34 1.45
N ARG A 5 5.30 8.36 2.06
CA ARG A 5 4.10 8.21 2.92
C ARG A 5 2.85 8.13 2.04
N CYS A 6 2.07 7.06 2.18
CA CYS A 6 0.85 6.85 1.38
C CYS A 6 -0.37 6.65 2.28
N ARG A 7 -1.53 6.96 1.72
CA ARG A 7 -2.84 6.88 2.41
C ARG A 7 -3.72 5.82 1.73
N THR A 8 -4.30 4.94 2.53
CA THR A 8 -5.33 4.00 2.08
C THR A 8 -6.67 4.73 1.92
N LEU A 9 -7.23 4.68 0.69
CA LEU A 9 -8.50 5.33 0.35
C LEU A 9 -9.67 4.55 0.98
N TYR A 10 -9.69 3.23 0.73
CA TYR A 10 -10.76 2.32 1.21
C TYR A 10 -10.15 1.00 1.73
N PRO A 11 -10.84 0.28 2.70
CA PRO A 11 -10.36 -1.00 3.21
C PRO A 11 -10.58 -2.14 2.19
N PHE A 12 -9.53 -2.93 1.91
CA PHE A 12 -9.60 -4.09 1.03
C PHE A 12 -9.27 -5.35 1.85
N SER A 13 -10.33 -6.08 2.23
CA SER A 13 -10.26 -7.21 3.16
C SER A 13 -10.08 -8.53 2.39
N GLY A 14 -10.89 -8.71 1.34
CA GLY A 14 -10.87 -9.91 0.52
C GLY A 14 -11.74 -9.73 -0.71
N GLU A 15 -12.81 -10.56 -0.81
CA GLU A 15 -13.76 -10.59 -1.95
C GLU A 15 -13.05 -10.96 -3.27
N ARG A 16 -12.30 -9.99 -3.83
CA ARG A 16 -11.59 -10.14 -5.11
C ARG A 16 -10.26 -10.92 -4.94
N HIS A 17 -9.82 -11.12 -3.68
CA HIS A 17 -8.61 -11.89 -3.34
C HIS A 17 -8.84 -12.75 -2.09
N GLY A 18 -7.85 -13.61 -1.80
CA GLY A 18 -7.83 -14.44 -0.59
C GLY A 18 -6.45 -14.52 0.04
N GLN A 19 -5.40 -14.26 -0.77
CA GLN A 19 -3.98 -14.29 -0.34
C GLN A 19 -3.27 -12.97 -0.66
N GLY A 20 -4.04 -11.89 -0.84
CA GLY A 20 -3.48 -10.54 -0.99
C GLY A 20 -3.11 -9.91 0.36
N LEU A 21 -2.54 -8.71 0.33
CA LEU A 21 -2.17 -7.99 1.55
C LEU A 21 -3.36 -7.11 1.99
N ARG A 22 -3.80 -7.30 3.24
CA ARG A 22 -4.93 -6.55 3.84
C ARG A 22 -4.47 -5.14 4.29
N PHE A 23 -5.30 -4.15 4.00
CA PHE A 23 -5.09 -2.76 4.39
C PHE A 23 -6.45 -2.07 4.59
N ALA A 24 -6.62 -1.42 5.76
CA ALA A 24 -7.84 -0.67 6.12
C ALA A 24 -7.63 0.83 5.82
N ALA A 25 -8.74 1.54 5.51
CA ALA A 25 -8.71 2.98 5.17
C ALA A 25 -8.21 3.84 6.35
N GLY A 26 -7.29 4.77 6.06
CA GLY A 26 -6.73 5.67 7.06
C GLY A 26 -5.29 5.32 7.43
N GLU A 27 -4.89 4.04 7.23
CA GLU A 27 -3.53 3.58 7.54
C GLU A 27 -2.48 4.26 6.66
N LEU A 28 -1.36 4.67 7.29
CA LEU A 28 -0.22 5.26 6.61
C LEU A 28 0.71 4.14 6.12
N ILE A 29 0.61 3.84 4.82
CA ILE A 29 1.40 2.79 4.16
C ILE A 29 2.71 3.40 3.66
N THR A 30 3.82 3.00 4.29
CA THR A 30 5.16 3.42 3.86
C THR A 30 5.57 2.61 2.62
N LEU A 31 5.52 3.28 1.46
CA LEU A 31 5.99 2.72 0.19
C LEU A 31 7.52 2.56 0.26
N LEU A 32 8.04 1.46 -0.32
CA LEU A 32 9.46 1.13 -0.27
C LEU A 32 10.27 2.04 -1.21
N GLN A 33 9.72 2.25 -2.40
CA GLN A 33 10.31 3.14 -3.41
C GLN A 33 9.21 3.61 -4.37
N VAL A 34 9.43 4.75 -5.05
CA VAL A 34 8.50 5.33 -6.02
C VAL A 34 9.06 5.20 -7.47
N PRO A 35 8.70 4.12 -8.24
CA PRO A 35 8.94 4.06 -9.70
C PRO A 35 7.85 4.82 -10.49
N ASP A 36 8.07 5.01 -11.80
CA ASP A 36 7.11 5.71 -12.68
C ASP A 36 5.82 4.89 -12.87
N GLY A 37 4.70 5.61 -12.94
CA GLY A 37 3.37 5.01 -13.07
C GLY A 37 2.67 4.89 -11.71
N GLY A 38 1.35 4.60 -11.77
CA GLY A 38 0.52 4.41 -10.57
C GLY A 38 0.59 2.99 -10.01
N TRP A 39 1.83 2.54 -9.75
CA TRP A 39 2.12 1.20 -9.25
C TRP A 39 3.29 1.28 -8.26
N TRP A 40 3.01 0.97 -6.99
CA TRP A 40 3.97 1.04 -5.89
C TRP A 40 3.87 -0.21 -5.02
N GLU A 41 5.01 -0.67 -4.50
CA GLU A 41 5.04 -1.72 -3.49
C GLU A 41 5.14 -1.04 -2.12
N GLY A 42 4.11 -1.21 -1.29
CA GLY A 42 4.06 -0.65 0.05
C GLY A 42 4.21 -1.72 1.09
N GLU A 43 4.89 -1.39 2.19
CA GLU A 43 5.15 -2.34 3.27
C GLU A 43 4.44 -1.88 4.55
N LYS A 44 3.83 -2.83 5.23
CA LYS A 44 3.26 -2.67 6.58
C LYS A 44 4.40 -2.55 7.60
N GLU A 45 4.05 -2.06 8.79
CA GLU A 45 4.98 -1.89 9.92
C GLU A 45 5.55 -3.23 10.45
N ASP A 46 4.94 -4.35 10.00
CA ASP A 46 5.32 -5.72 10.41
C ASP A 46 6.42 -6.32 9.50
N GLY A 47 6.74 -5.62 8.39
CA GLY A 47 7.66 -6.14 7.37
C GLY A 47 6.94 -6.83 6.21
N LEU A 48 5.60 -6.89 6.30
CA LEU A 48 4.74 -7.51 5.28
C LEU A 48 4.48 -6.53 4.15
N ARG A 49 5.15 -6.74 3.00
CA ARG A 49 5.00 -5.86 1.81
C ARG A 49 4.09 -6.55 0.78
N GLY A 50 3.44 -5.73 -0.05
CA GLY A 50 2.48 -6.24 -1.03
C GLY A 50 2.24 -5.28 -2.18
N TRP A 51 1.33 -5.70 -3.07
CA TRP A 51 0.93 -4.93 -4.26
C TRP A 51 -0.03 -3.80 -3.86
N PHE A 52 0.27 -2.58 -4.32
CA PHE A 52 -0.54 -1.37 -4.06
C PHE A 52 -0.70 -0.56 -5.36
N PRO A 53 -1.82 -0.78 -6.12
CA PRO A 53 -2.21 0.10 -7.24
C PRO A 53 -2.73 1.45 -6.71
N ALA A 54 -2.51 2.52 -7.48
CA ALA A 54 -2.91 3.90 -7.10
C ALA A 54 -4.45 4.04 -6.96
N SER A 55 -5.19 3.10 -7.57
CA SER A 55 -6.66 3.04 -7.49
C SER A 55 -7.15 2.83 -6.03
N TYR A 56 -6.34 2.11 -5.23
CA TYR A 56 -6.68 1.77 -3.83
C TYR A 56 -6.00 2.73 -2.83
N VAL A 57 -4.84 3.30 -3.23
CA VAL A 57 -4.01 4.15 -2.34
C VAL A 57 -3.47 5.38 -3.08
N GLN A 58 -3.46 6.55 -2.41
CA GLN A 58 -2.85 7.80 -2.92
C GLN A 58 -1.91 8.39 -1.87
N LEU A 59 -0.70 8.78 -2.30
CA LEU A 59 0.36 9.21 -1.38
C LEU A 59 0.22 10.68 -0.96
N LEU A 60 0.51 10.93 0.33
CA LEU A 60 0.41 12.25 0.97
C LEU A 60 1.76 13.00 0.83
N MET A 1 14.11 11.49 3.35
CA MET A 1 13.69 12.76 3.98
C MET A 1 12.29 13.15 3.51
N SER A 2 11.99 12.85 2.24
CA SER A 2 10.63 12.97 1.68
C SER A 2 9.74 11.84 2.24
N GLY A 3 8.45 12.13 2.46
CA GLY A 3 7.48 11.16 2.96
C GLY A 3 7.06 10.17 1.89
N ALA A 4 7.94 9.19 1.58
CA ALA A 4 7.67 8.13 0.61
C ALA A 4 6.66 7.13 1.22
N ARG A 5 5.39 7.56 1.22
CA ARG A 5 4.28 6.87 1.87
C ARG A 5 2.95 7.40 1.37
N CYS A 6 1.88 6.64 1.63
CA CYS A 6 0.50 6.99 1.27
C CYS A 6 -0.46 6.48 2.35
N ARG A 7 -1.74 6.96 2.32
CA ARG A 7 -2.80 6.49 3.24
C ARG A 7 -3.94 5.87 2.42
N THR A 8 -4.43 4.69 2.86
CA THR A 8 -5.53 4.00 2.19
C THR A 8 -6.89 4.68 2.47
N LEU A 9 -7.56 5.10 1.39
CA LEU A 9 -8.96 5.57 1.42
C LEU A 9 -9.92 4.39 1.17
N TYR A 10 -9.39 3.27 0.64
CA TYR A 10 -10.11 2.00 0.49
C TYR A 10 -9.62 0.97 1.52
N PRO A 11 -10.53 0.42 2.40
CA PRO A 11 -10.26 -0.80 3.20
C PRO A 11 -10.54 -2.08 2.37
N PHE A 12 -9.97 -2.15 1.15
CA PHE A 12 -10.23 -3.22 0.19
C PHE A 12 -9.19 -4.33 0.41
N SER A 13 -9.66 -5.46 0.95
CA SER A 13 -8.83 -6.63 1.29
C SER A 13 -8.32 -7.36 0.03
N GLY A 14 -9.00 -7.14 -1.11
CA GLY A 14 -8.72 -7.85 -2.35
C GLY A 14 -9.29 -9.26 -2.31
N GLU A 15 -8.51 -10.16 -1.71
CA GLU A 15 -8.87 -11.57 -1.47
C GLU A 15 -7.80 -12.22 -0.58
N ARG A 16 -8.15 -13.34 0.05
CA ARG A 16 -7.18 -14.22 0.73
C ARG A 16 -6.71 -15.28 -0.28
N HIS A 17 -5.40 -15.46 -0.38
CA HIS A 17 -4.78 -16.40 -1.35
C HIS A 17 -3.61 -17.13 -0.69
N GLY A 18 -2.57 -16.37 -0.30
CA GLY A 18 -1.35 -16.96 0.26
C GLY A 18 -0.49 -15.95 0.97
N GLN A 19 -0.94 -15.54 2.18
CA GLN A 19 -0.18 -14.67 3.12
C GLN A 19 0.00 -13.24 2.57
N GLY A 20 -0.88 -12.86 1.61
CA GLY A 20 -0.85 -11.53 1.00
C GLY A 20 -1.11 -10.39 1.99
N LEU A 21 -0.82 -9.16 1.56
CA LEU A 21 -0.99 -7.96 2.37
C LEU A 21 -2.41 -7.38 2.17
N ARG A 22 -3.11 -7.11 3.28
CA ARG A 22 -4.46 -6.51 3.32
C ARG A 22 -4.37 -5.14 4.01
N PHE A 23 -5.39 -4.29 3.80
CA PHE A 23 -5.44 -2.93 4.40
C PHE A 23 -6.85 -2.60 4.93
N ALA A 24 -6.88 -1.92 6.08
CA ALA A 24 -8.06 -1.21 6.62
C ALA A 24 -8.03 0.26 6.13
N ALA A 25 -9.14 1.00 6.34
CA ALA A 25 -9.20 2.44 5.99
C ALA A 25 -8.34 3.26 7.00
N GLY A 26 -7.27 3.91 6.49
CA GLY A 26 -6.40 4.76 7.33
C GLY A 26 -5.03 4.13 7.61
N GLU A 27 -4.63 3.16 6.78
CA GLU A 27 -3.30 2.51 6.88
C GLU A 27 -2.18 3.44 6.40
N LEU A 28 -0.99 3.25 6.98
CA LEU A 28 0.22 4.00 6.61
C LEU A 28 1.15 3.06 5.84
N ILE A 29 1.28 3.26 4.51
CA ILE A 29 2.05 2.38 3.63
C ILE A 29 3.40 3.03 3.30
N THR A 30 4.50 2.51 3.86
CA THR A 30 5.86 2.96 3.52
C THR A 30 6.24 2.38 2.16
N LEU A 31 6.28 3.25 1.14
CA LEU A 31 6.66 2.87 -0.22
C LEU A 31 8.14 2.41 -0.25
N LEU A 32 8.35 1.18 -0.74
CA LEU A 32 9.69 0.56 -0.84
C LEU A 32 10.46 1.20 -2.01
N GLN A 33 9.73 1.39 -3.13
CA GLN A 33 10.18 2.14 -4.31
C GLN A 33 9.11 3.21 -4.64
N VAL A 34 9.54 4.29 -5.32
CA VAL A 34 8.63 5.38 -5.79
C VAL A 34 8.79 5.62 -7.31
N PRO A 35 8.23 4.71 -8.19
CA PRO A 35 8.15 4.96 -9.65
C PRO A 35 7.11 6.06 -9.98
N ASP A 36 7.20 6.58 -11.22
CA ASP A 36 6.32 7.64 -11.73
C ASP A 36 4.93 7.05 -12.07
N GLY A 37 4.01 7.10 -11.10
CA GLY A 37 2.61 6.69 -11.29
C GLY A 37 2.43 5.17 -11.28
N GLY A 38 1.24 4.74 -11.73
CA GLY A 38 0.90 3.33 -11.93
C GLY A 38 0.86 2.52 -10.64
N TRP A 39 1.91 1.71 -10.41
CA TRP A 39 1.98 0.73 -9.32
C TRP A 39 3.20 1.01 -8.43
N TRP A 40 3.05 0.82 -7.13
CA TRP A 40 4.15 0.92 -6.14
C TRP A 40 4.24 -0.38 -5.35
N GLU A 41 5.47 -0.77 -4.99
CA GLU A 41 5.70 -1.80 -3.97
C GLU A 41 5.78 -1.06 -2.63
N GLY A 42 4.98 -1.48 -1.65
CA GLY A 42 4.93 -0.82 -0.34
C GLY A 42 4.85 -1.82 0.80
N GLU A 43 4.95 -1.33 2.05
CA GLU A 43 4.82 -2.17 3.24
C GLU A 43 3.87 -1.52 4.24
N LYS A 44 3.13 -2.37 4.94
CA LYS A 44 2.39 -2.02 6.15
C LYS A 44 3.44 -1.82 7.29
N GLU A 45 3.10 -1.01 8.31
CA GLU A 45 4.01 -0.75 9.47
C GLU A 45 4.30 -2.02 10.29
N ASP A 46 3.41 -3.04 10.15
CA ASP A 46 3.59 -4.39 10.73
C ASP A 46 4.79 -5.14 10.08
N GLY A 47 5.20 -4.68 8.89
CA GLY A 47 6.36 -5.22 8.17
C GLY A 47 5.98 -6.01 6.93
N LEU A 48 4.70 -6.41 6.81
CA LEU A 48 4.19 -7.17 5.65
C LEU A 48 4.25 -6.31 4.37
N ARG A 49 4.75 -6.89 3.27
CA ARG A 49 4.98 -6.19 1.98
C ARG A 49 4.06 -6.71 0.89
N GLY A 50 3.58 -5.80 0.04
CA GLY A 50 2.72 -6.12 -1.09
C GLY A 50 2.78 -5.07 -2.18
N TRP A 51 2.47 -5.47 -3.42
CA TRP A 51 2.44 -4.56 -4.59
C TRP A 51 0.99 -4.09 -4.81
N PHE A 52 0.78 -2.75 -4.89
CA PHE A 52 -0.55 -2.12 -4.97
C PHE A 52 -0.50 -0.84 -5.83
N PRO A 53 -1.61 -0.48 -6.55
CA PRO A 53 -1.70 0.78 -7.32
C PRO A 53 -2.13 1.97 -6.44
N ALA A 54 -2.30 3.15 -7.08
CA ALA A 54 -2.81 4.38 -6.42
C ALA A 54 -4.30 4.28 -6.06
N SER A 55 -4.99 3.28 -6.65
CA SER A 55 -6.43 3.04 -6.51
C SER A 55 -6.91 2.92 -5.05
N TYR A 56 -6.11 2.23 -4.21
CA TYR A 56 -6.46 1.94 -2.80
C TYR A 56 -5.97 3.03 -1.86
N VAL A 57 -4.87 3.67 -2.24
CA VAL A 57 -4.17 4.65 -1.40
C VAL A 57 -4.44 6.08 -1.91
N GLN A 58 -3.85 7.07 -1.22
CA GLN A 58 -3.90 8.47 -1.61
C GLN A 58 -2.50 9.08 -1.50
N LEU A 59 -2.01 9.65 -2.62
CA LEU A 59 -0.74 10.36 -2.68
C LEU A 59 -0.86 11.67 -1.89
N LEU A 60 -0.06 11.79 -0.81
CA LEU A 60 -0.09 12.95 0.09
C LEU A 60 0.84 14.05 -0.45
N MET A 1 15.71 7.98 3.02
CA MET A 1 15.43 9.43 3.10
C MET A 1 14.27 9.79 2.14
N SER A 2 13.64 10.96 2.41
CA SER A 2 12.51 11.49 1.63
C SER A 2 11.30 10.52 1.66
N GLY A 3 10.52 10.59 2.75
CA GLY A 3 9.42 9.66 3.00
C GLY A 3 8.18 10.01 2.20
N ALA A 4 8.12 9.54 0.94
CA ALA A 4 6.92 9.62 0.09
C ALA A 4 5.84 8.67 0.65
N ARG A 5 4.91 9.24 1.43
CA ARG A 5 3.84 8.48 2.09
C ARG A 5 2.55 8.51 1.25
N CYS A 6 1.79 7.43 1.37
CA CYS A 6 0.46 7.28 0.76
C CYS A 6 -0.50 6.84 1.86
N ARG A 7 -1.74 7.31 1.82
CA ARG A 7 -2.77 6.90 2.78
C ARG A 7 -3.75 5.96 2.08
N THR A 8 -3.96 4.79 2.69
CA THR A 8 -4.89 3.78 2.19
C THR A 8 -6.33 4.29 2.31
N LEU A 9 -7.08 4.25 1.19
CA LEU A 9 -8.44 4.76 1.13
C LEU A 9 -9.38 3.84 1.93
N TYR A 10 -9.72 2.67 1.37
CA TYR A 10 -10.66 1.71 1.99
C TYR A 10 -10.30 0.28 1.53
N PRO A 11 -10.32 -0.75 2.46
CA PRO A 11 -10.09 -2.14 2.08
C PRO A 11 -11.27 -2.73 1.26
N PHE A 12 -11.12 -2.68 -0.08
CA PHE A 12 -12.11 -3.27 -1.01
C PHE A 12 -11.69 -4.72 -1.30
N SER A 13 -12.39 -5.68 -0.66
CA SER A 13 -12.16 -7.11 -0.84
C SER A 13 -13.23 -7.68 -1.79
N GLY A 14 -12.83 -7.87 -3.06
CA GLY A 14 -13.70 -8.45 -4.10
C GLY A 14 -12.92 -9.10 -5.22
N GLU A 15 -11.64 -9.39 -4.95
CA GLU A 15 -10.72 -10.08 -5.90
C GLU A 15 -10.30 -11.44 -5.32
N ARG A 16 -9.76 -12.32 -6.19
CA ARG A 16 -9.24 -13.62 -5.78
C ARG A 16 -7.94 -13.45 -4.97
N HIS A 17 -7.57 -14.49 -4.22
CA HIS A 17 -6.36 -14.50 -3.36
C HIS A 17 -5.07 -14.57 -4.22
N GLY A 18 -3.90 -14.56 -3.55
CA GLY A 18 -2.60 -14.50 -4.20
C GLY A 18 -1.96 -13.14 -4.02
N GLN A 19 -1.19 -12.99 -2.92
CA GLN A 19 -0.53 -11.73 -2.50
C GLN A 19 -1.63 -10.66 -2.23
N GLY A 20 -2.53 -11.00 -1.29
CA GLY A 20 -3.59 -10.10 -0.84
C GLY A 20 -3.23 -9.52 0.52
N LEU A 21 -2.72 -8.28 0.52
CA LEU A 21 -2.28 -7.59 1.75
C LEU A 21 -3.47 -6.84 2.37
N ARG A 22 -3.71 -7.08 3.67
CA ARG A 22 -4.79 -6.40 4.43
C ARG A 22 -4.31 -4.99 4.82
N PHE A 23 -5.08 -3.97 4.41
CA PHE A 23 -4.82 -2.56 4.73
C PHE A 23 -6.10 -1.93 5.29
N ALA A 24 -6.05 -1.54 6.58
CA ALA A 24 -7.14 -0.82 7.25
C ALA A 24 -7.24 0.62 6.70
N ALA A 25 -8.47 1.13 6.58
CA ALA A 25 -8.77 2.45 6.01
C ALA A 25 -8.09 3.58 6.82
N GLY A 26 -7.09 4.22 6.19
CA GLY A 26 -6.43 5.41 6.76
C GLY A 26 -4.98 5.21 7.16
N GLU A 27 -4.41 4.01 6.90
CA GLU A 27 -2.98 3.71 7.22
C GLU A 27 -2.01 4.51 6.32
N LEU A 28 -1.07 5.23 6.96
CA LEU A 28 0.01 5.96 6.27
C LEU A 28 1.17 4.99 5.99
N ILE A 29 1.28 4.51 4.75
CA ILE A 29 2.33 3.57 4.32
C ILE A 29 3.36 4.28 3.44
N THR A 30 4.64 4.20 3.81
CA THR A 30 5.75 4.81 3.07
C THR A 30 6.16 3.91 1.88
N LEU A 31 6.40 4.54 0.73
CA LEU A 31 6.88 3.88 -0.50
C LEU A 31 8.38 3.58 -0.36
N LEU A 32 8.78 2.33 -0.63
CA LEU A 32 10.21 1.94 -0.66
C LEU A 32 10.86 2.40 -1.98
N GLN A 33 10.04 2.50 -3.03
CA GLN A 33 10.49 2.85 -4.38
C GLN A 33 9.32 3.47 -5.16
N VAL A 34 9.64 4.41 -6.07
CA VAL A 34 8.72 4.90 -7.11
C VAL A 34 9.26 4.45 -8.50
N PRO A 35 8.81 3.26 -9.02
CA PRO A 35 9.30 2.71 -10.32
C PRO A 35 8.84 3.56 -11.52
N ASP A 36 7.69 4.23 -11.35
CA ASP A 36 7.11 5.18 -12.32
C ASP A 36 5.85 5.81 -11.72
N GLY A 37 4.95 4.94 -11.24
CA GLY A 37 3.69 5.35 -10.61
C GLY A 37 2.64 4.27 -10.69
N GLY A 38 1.47 4.53 -10.08
CA GLY A 38 0.36 3.57 -10.06
C GLY A 38 0.65 2.36 -9.18
N TRP A 39 1.43 1.42 -9.73
CA TRP A 39 1.97 0.29 -8.98
C TRP A 39 3.27 0.70 -8.27
N TRP A 40 3.18 0.82 -6.95
CA TRP A 40 4.35 1.03 -6.06
C TRP A 40 4.53 -0.21 -5.19
N GLU A 41 5.58 -0.18 -4.36
CA GLU A 41 5.83 -1.21 -3.35
C GLU A 41 6.28 -0.54 -2.04
N GLY A 42 5.86 -1.14 -0.92
CA GLY A 42 6.16 -0.63 0.42
C GLY A 42 6.16 -1.73 1.46
N GLU A 43 6.45 -1.36 2.72
CA GLU A 43 6.42 -2.30 3.85
C GLU A 43 5.15 -2.08 4.67
N LYS A 44 4.66 -3.17 5.26
CA LYS A 44 3.47 -3.18 6.10
C LYS A 44 3.89 -3.49 7.55
N GLU A 45 3.20 -2.88 8.53
CA GLU A 45 3.52 -3.05 9.97
C GLU A 45 3.19 -4.47 10.49
N ASP A 46 2.54 -5.27 9.63
CA ASP A 46 2.28 -6.70 9.86
C ASP A 46 3.56 -7.55 9.68
N GLY A 47 4.65 -6.93 9.21
CA GLY A 47 5.92 -7.63 8.93
C GLY A 47 6.00 -8.09 7.48
N LEU A 48 4.83 -8.17 6.81
CA LEU A 48 4.69 -8.61 5.43
C LEU A 48 4.98 -7.44 4.46
N ARG A 49 5.32 -7.78 3.22
CA ARG A 49 5.51 -6.81 2.13
C ARG A 49 4.54 -7.11 0.99
N GLY A 50 4.58 -6.28 -0.06
CA GLY A 50 3.64 -6.35 -1.18
C GLY A 50 2.74 -5.13 -1.18
N TRP A 51 2.15 -4.82 -2.34
CA TRP A 51 1.39 -3.57 -2.52
C TRP A 51 0.36 -3.69 -3.65
N PHE A 52 -0.46 -2.63 -3.77
CA PHE A 52 -1.62 -2.56 -4.69
C PHE A 52 -1.50 -1.31 -5.59
N PRO A 53 -2.34 -1.20 -6.69
CA PRO A 53 -2.36 0.02 -7.55
C PRO A 53 -2.87 1.28 -6.78
N ALA A 54 -2.72 2.45 -7.44
CA ALA A 54 -3.04 3.78 -6.87
C ALA A 54 -4.54 3.97 -6.53
N SER A 55 -5.39 3.06 -7.05
CA SER A 55 -6.84 3.05 -6.80
C SER A 55 -7.20 2.81 -5.31
N TYR A 56 -6.33 2.07 -4.60
CA TYR A 56 -6.55 1.68 -3.19
C TYR A 56 -5.88 2.64 -2.18
N VAL A 57 -5.08 3.61 -2.69
CA VAL A 57 -4.31 4.56 -1.87
C VAL A 57 -4.44 5.99 -2.44
N GLN A 58 -3.79 6.98 -1.79
CA GLN A 58 -3.71 8.36 -2.30
C GLN A 58 -2.41 9.01 -1.76
N LEU A 59 -1.65 9.65 -2.66
CA LEU A 59 -0.37 10.33 -2.33
C LEU A 59 -0.62 11.52 -1.38
N LEU A 60 0.20 11.64 -0.32
CA LEU A 60 0.12 12.76 0.62
C LEU A 60 0.87 13.99 0.05
#